data_6FFY
#
_entry.id   6FFY
#
_cell.length_a   229.755
_cell.length_b   117.706
_cell.length_c   90.000
_cell.angle_alpha   90.00
_cell.angle_beta   111.87
_cell.angle_gamma   90.00
#
_symmetry.space_group_name_H-M   'C 1 2 1'
#
loop_
_entity.id
_entity.type
_entity.pdbx_description
1 polymer 'VPS10 domain-containing receptor SorCS2'
2 polymer 'Beta-nerve growth factor'
3 branched beta-D-mannopyranose-(1-4)-2-acetamido-2-deoxy-beta-D-glucopyranose-(1-4)-2-acetamido-2-deoxy-beta-D-glucopyranose
4 non-polymer 2-acetamido-2-deoxy-beta-D-glucopyranose
#
loop_
_entity_poly.entity_id
_entity_poly.type
_entity_poly.pdbx_seq_one_letter_code
_entity_poly.pdbx_strand_id
1 'polypeptide(L)'
;GARAVPVAGAASASRAQVSLISTSFVLKGDATHNQAMVHWTGENSSVILILTKYYHADMGKVLESSLWRSSDFGTTYTKL
TLQPGVTTVIDNFYICPANKRKIILVSSSLGDREQSLFLSTDEGATFQKYPVPFLVETLLFHPKEEDKVLAYTKDSKLYV
SSDLGKKWTLLQERVTKDHVFWAVSGVDDDPNLVHVEAQDLSGGYRYYTCLIYNCSAQPHIAPFSGPIDRGSLTVQDEYI
FLKATSTNRTKYYVSYRRSDFVLMKLPKYALPKDLQIISTDEQQVFVAVQEWNQVDTYNLYQSDLRGVRYSLVLENVRSS
RQAEENVVIDILEVRGVKGVFLANQKVDGKVTTVITYNKGRDWDYLRPPSTDMNGKPTNCQPPDCYLHLHLRWADNPYVS
GTVHTKDTAPGLIMGAGNLGSQLVEYKEEMYITSDCGHTWRQVFEEEHHVLYLDHGGVIAAIKDTSIPLKILKFSVDEGH
TWSTHNFTSTSVFVDGLLSEPGDETLVMTVFGHISFRSDWELVKVDFRPSFPRQCGEDDYSSWDLTDLQGDHCIMGQQRS
YRKRKSTSWCVKGRSFTSALTSRVCKCRDSDFLCDYGFERSSSSESTANKCSANFWFNPLSPPEDCVLGQTYTSSLGYRK
VVSNVCEGGVDLQQSPVQLQCPLQAPRGLQVSIRGEAVAVRPREDVLFVVRQEQGDVLTTKYQVDLGDGFKAMYVNLTLT
GEPIRHHYESPGIYRVSVRAENMAGHDEAVLFVQVNSPLQALYLEVVPVIGVNQEVNLTAVLLPLNPNLTVFYWWIGHSL
QPLLSLDNSVTTKFTDAGDVRVTVQAACGNSVLQDSRLVRVLDQFQVVPLRFSRELDTFNPNTPEWREDVGLVVTRLLSK
ETSIPEELLVTVVKPGLPTIADLYVLLPLPRPTRKRSLTSDKRLAAVQQALNSHRISFILRGGLRILVELRDTDTGPQRP
GGSAAAHHHHHH
;
A
2 'polypeptide(L)'
;SSTHPVFHMGEFSVCDSVSVWVGDKTTATDIKGKEVTVLAEVNINNSVFRQYFFETKCRASNPVESGCRGIDSKHWNSYC
TTTHTFVKALTTDEKQAAWRFIRIDTACVCVLSRKATAAGAAAHHHHHH
;
B,C
#
loop_
_chem_comp.id
_chem_comp.type
_chem_comp.name
_chem_comp.formula
BMA D-saccharide, beta linking beta-D-mannopyranose 'C6 H12 O6'
NAG D-saccharide, beta linking 2-acetamido-2-deoxy-beta-D-glucopyranose 'C8 H15 N O6'
#
# COMPACT_ATOMS: atom_id res chain seq x y z
N GLN A 17 48.20 4.83 -14.64
CA GLN A 17 47.01 4.57 -15.44
C GLN A 17 45.93 5.61 -15.17
N VAL A 18 45.48 5.69 -13.92
CA VAL A 18 44.49 6.67 -13.50
C VAL A 18 45.09 7.55 -12.41
N SER A 19 44.24 8.34 -11.75
CA SER A 19 44.69 9.22 -10.68
C SER A 19 43.47 9.66 -9.87
N LEU A 20 43.46 9.36 -8.58
CA LEU A 20 42.33 9.70 -7.72
C LEU A 20 42.79 9.68 -6.27
N ILE A 21 41.88 10.04 -5.37
CA ILE A 21 42.15 10.02 -3.94
C ILE A 21 40.98 9.33 -3.24
N SER A 22 41.27 8.55 -2.21
CA SER A 22 40.22 7.92 -1.42
C SER A 22 40.57 8.06 0.06
N THR A 23 39.59 8.50 0.85
CA THR A 23 39.82 8.76 2.27
C THR A 23 38.65 8.19 3.08
N SER A 24 38.98 7.33 4.04
CA SER A 24 37.97 6.75 4.92
C SER A 24 37.91 7.51 6.24
N PHE A 25 36.78 7.38 6.92
CA PHE A 25 36.60 8.01 8.22
C PHE A 25 35.58 7.22 9.02
N VAL A 26 35.86 7.07 10.31
CA VAL A 26 34.99 6.37 11.25
C VAL A 26 34.44 7.38 12.23
N LEU A 27 33.11 7.38 12.40
CA LEU A 27 32.50 8.23 13.42
C LEU A 27 33.04 7.81 14.79
N LYS A 28 33.80 8.71 15.42
CA LYS A 28 34.62 8.34 16.58
C LYS A 28 33.79 7.83 17.76
N GLY A 29 32.51 8.19 17.84
CA GLY A 29 31.67 7.71 18.92
C GLY A 29 31.58 6.19 18.97
N ASP A 30 32.01 5.61 20.10
CA ASP A 30 31.93 4.16 20.25
C ASP A 30 30.48 3.67 20.30
N ALA A 31 29.58 4.47 20.87
CA ALA A 31 28.17 4.11 20.96
C ALA A 31 27.48 4.50 19.65
N THR A 32 27.67 3.64 18.64
CA THR A 32 27.11 3.85 17.31
C THR A 32 26.47 2.55 16.84
N HIS A 33 25.20 2.64 16.45
CA HIS A 33 24.42 1.48 16.02
C HIS A 33 23.12 1.99 15.40
N ASN A 34 22.22 1.06 15.08
CA ASN A 34 20.86 1.32 14.57
C ASN A 34 20.98 2.07 13.24
N GLN A 35 20.29 3.19 13.06
CA GLN A 35 20.14 3.81 11.75
C GLN A 35 20.84 5.15 11.68
N ALA A 36 20.92 5.69 10.46
CA ALA A 36 21.59 6.96 10.25
C ALA A 36 21.14 7.56 8.92
N MET A 37 21.20 8.89 8.85
CA MET A 37 20.86 9.63 7.64
C MET A 37 22.05 10.50 7.25
N VAL A 38 22.39 10.45 5.96
CA VAL A 38 23.50 11.22 5.40
C VAL A 38 22.96 12.10 4.29
N HIS A 39 23.26 13.40 4.35
CA HIS A 39 22.75 14.32 3.34
C HIS A 39 23.73 15.45 3.10
N TRP A 40 23.91 15.79 1.83
CA TRP A 40 24.68 16.98 1.47
C TRP A 40 23.85 18.24 1.71
N THR A 41 24.51 19.39 1.60
CA THR A 41 23.88 20.68 1.80
C THR A 41 24.21 21.57 0.59
N GLY A 42 23.24 21.75 -0.29
CA GLY A 42 23.42 22.62 -1.45
C GLY A 42 24.42 22.04 -2.45
N GLU A 43 24.60 22.80 -3.53
CA GLU A 43 25.49 22.39 -4.60
C GLU A 43 26.89 22.99 -4.40
N ASN A 44 27.91 22.14 -4.61
CA ASN A 44 29.31 22.56 -4.57
C ASN A 44 29.67 23.22 -3.25
N SER A 45 29.33 22.55 -2.14
CA SER A 45 29.56 23.09 -0.81
C SER A 45 30.58 22.32 0.00
N SER A 46 30.82 21.04 -0.32
CA SER A 46 31.77 20.19 0.41
C SER A 46 31.40 20.07 1.89
N VAL A 47 30.12 20.20 2.20
CA VAL A 47 29.61 20.11 3.56
C VAL A 47 28.54 19.03 3.61
N ILE A 48 28.70 18.09 4.53
CA ILE A 48 27.80 16.95 4.67
C ILE A 48 27.32 16.89 6.11
N LEU A 49 26.04 16.59 6.31
CA LEU A 49 25.50 16.41 7.64
C LEU A 49 24.96 14.99 7.79
N ILE A 50 25.11 14.46 9.01
CA ILE A 50 24.72 13.09 9.32
C ILE A 50 24.01 13.07 10.67
N LEU A 51 22.91 12.34 10.73
CA LEU A 51 22.19 12.10 11.97
C LEU A 51 22.29 10.61 12.28
N THR A 52 23.00 10.26 13.36
CA THR A 52 23.12 8.89 13.80
C THR A 52 22.08 8.65 14.88
N LYS A 53 21.01 7.94 14.52
CA LYS A 53 19.87 7.76 15.41
C LYS A 53 19.71 6.28 15.78
N TYR A 54 19.20 6.06 16.97
CA TYR A 54 19.06 4.74 17.58
C TYR A 54 17.59 4.53 17.85
N TYR A 55 16.97 3.63 17.08
CA TYR A 55 15.55 3.34 17.15
C TYR A 55 15.25 2.37 18.29
N HIS A 56 13.99 2.00 18.41
CA HIS A 56 13.55 1.00 19.36
C HIS A 56 12.24 0.41 18.88
N ALA A 57 12.15 -0.92 18.87
CA ALA A 57 10.98 -1.63 18.40
C ALA A 57 10.06 -1.95 19.58
N ASP A 58 9.16 -2.92 19.38
CA ASP A 58 8.18 -3.32 20.40
C ASP A 58 7.34 -2.12 20.84
N MET A 59 6.85 -1.36 19.85
CA MET A 59 5.98 -0.21 20.04
C MET A 59 6.61 0.91 20.84
N GLY A 60 7.93 0.86 21.08
CA GLY A 60 8.58 1.92 21.82
C GLY A 60 8.71 3.20 21.01
N LYS A 61 9.24 3.08 19.80
CA LYS A 61 9.42 4.20 18.86
C LYS A 61 10.30 5.30 19.44
N VAL A 62 11.07 4.99 20.48
CA VAL A 62 11.95 5.97 21.12
C VAL A 62 13.24 6.08 20.31
N LEU A 63 13.85 7.26 20.34
CA LEU A 63 15.06 7.53 19.59
C LEU A 63 16.12 8.15 20.49
N GLU A 64 17.38 7.83 20.21
CA GLU A 64 18.51 8.52 20.82
C GLU A 64 19.54 8.80 19.72
N SER A 65 20.09 10.01 19.68
CA SER A 65 20.84 10.38 18.49
C SER A 65 22.08 11.19 18.82
N SER A 66 22.94 11.31 17.81
CA SER A 66 24.05 12.24 17.79
C SER A 66 24.14 12.84 16.39
N LEU A 67 24.76 14.02 16.30
CA LEU A 67 24.83 14.78 15.06
C LEU A 67 26.28 14.94 14.63
N TRP A 68 26.52 14.82 13.32
CA TRP A 68 27.87 14.90 12.76
C TRP A 68 27.88 15.84 11.57
N ARG A 69 28.97 16.59 11.41
CA ARG A 69 29.08 17.55 10.33
C ARG A 69 30.49 17.51 9.76
N SER A 70 30.60 17.51 8.43
CA SER A 70 31.89 17.56 7.75
C SER A 70 31.91 18.77 6.83
N SER A 71 33.03 19.49 6.84
CA SER A 71 33.22 20.67 6.02
C SER A 71 34.39 20.46 5.07
N ASP A 72 34.69 19.19 4.76
CA ASP A 72 35.78 18.91 3.85
C ASP A 72 35.56 17.60 3.09
N PHE A 73 34.60 17.59 2.17
CA PHE A 73 34.32 16.48 1.24
C PHE A 73 33.96 15.18 1.96
N GLY A 74 33.70 15.22 3.27
CA GLY A 74 33.42 14.01 4.00
C GLY A 74 34.65 13.24 4.42
N THR A 75 35.80 13.91 4.52
CA THR A 75 37.02 13.25 4.98
C THR A 75 37.20 13.36 6.49
N THR A 76 36.61 14.38 7.11
CA THR A 76 36.71 14.57 8.56
C THR A 76 35.36 15.04 9.08
N TYR A 77 34.75 14.24 9.94
CA TYR A 77 33.46 14.55 10.53
C TYR A 77 33.65 14.92 11.99
N THR A 78 33.10 16.07 12.38
CA THR A 78 33.10 16.54 13.77
C THR A 78 31.76 16.20 14.40
N LYS A 79 31.81 15.67 15.62
CA LYS A 79 30.61 15.36 16.38
C LYS A 79 30.09 16.64 17.02
N LEU A 80 29.01 17.19 16.47
CA LEU A 80 28.44 18.42 17.01
C LEU A 80 27.77 18.13 18.34
N THR A 81 28.06 18.96 19.34
CA THR A 81 27.56 18.75 20.68
C THR A 81 26.69 19.92 21.12
N LEU A 82 25.83 19.64 22.09
CA LEU A 82 25.03 20.65 22.78
C LEU A 82 25.16 20.42 24.28
N GLN A 83 24.97 21.49 25.05
CA GLN A 83 25.36 21.48 26.46
C GLN A 83 24.67 20.43 27.32
N PRO A 84 23.34 20.24 27.26
CA PRO A 84 22.73 19.24 28.15
C PRO A 84 22.94 17.82 27.66
N GLY A 85 22.13 16.88 28.15
CA GLY A 85 22.13 15.56 27.58
C GLY A 85 21.80 15.72 26.11
N VAL A 86 22.53 15.00 25.24
CA VAL A 86 22.43 15.25 23.81
C VAL A 86 20.99 15.15 23.34
N THR A 87 20.57 16.14 22.55
CA THR A 87 19.18 16.21 22.10
C THR A 87 18.80 14.98 21.31
N THR A 88 17.56 14.51 21.53
CA THR A 88 17.03 13.37 20.78
C THR A 88 16.49 13.90 19.47
N VAL A 89 17.41 14.14 18.52
CA VAL A 89 17.00 14.49 17.17
C VAL A 89 16.18 13.34 16.61
N ILE A 90 15.02 13.65 16.05
CA ILE A 90 14.10 12.61 15.61
C ILE A 90 14.03 12.60 14.09
N ASP A 91 14.29 11.44 13.52
CA ASP A 91 14.10 11.17 12.10
C ASP A 91 14.60 12.29 11.19
N ASN A 92 13.67 13.04 10.61
CA ASN A 92 13.99 13.95 9.52
C ASN A 92 14.64 15.23 10.05
N PHE A 93 15.94 15.35 9.86
CA PHE A 93 16.59 16.65 9.75
C PHE A 93 16.67 16.96 8.25
N TYR A 94 16.28 18.16 7.87
CA TYR A 94 16.25 18.45 6.44
C TYR A 94 16.71 19.87 6.16
N ILE A 95 17.27 20.04 4.96
CA ILE A 95 17.85 21.30 4.52
C ILE A 95 16.80 22.09 3.76
N CYS A 96 17.07 23.38 3.54
CA CYS A 96 16.20 24.19 2.71
C CYS A 96 16.54 23.97 1.24
N PRO A 97 15.55 23.73 0.38
CA PRO A 97 15.83 23.50 -1.03
C PRO A 97 16.40 24.74 -1.69
N ALA A 98 16.96 24.54 -2.88
CA ALA A 98 17.60 25.60 -3.65
C ALA A 98 18.71 26.28 -2.85
N LYS A 102 20.98 29.27 -1.39
CA LYS A 102 19.91 29.29 -0.40
C LYS A 102 20.07 28.12 0.56
N ILE A 103 20.98 28.25 1.52
CA ILE A 103 21.35 27.18 2.44
C ILE A 103 20.80 27.53 3.82
N ILE A 104 19.85 26.73 4.30
CA ILE A 104 19.31 26.84 5.65
C ILE A 104 18.99 25.43 6.14
N LEU A 105 19.27 25.15 7.40
CA LEU A 105 19.07 23.82 7.98
C LEU A 105 18.09 23.87 9.14
N VAL A 106 17.30 22.79 9.28
CA VAL A 106 16.31 22.66 10.33
C VAL A 106 16.43 21.27 10.94
N SER A 107 16.41 21.20 12.27
CA SER A 107 16.46 19.94 13.02
C SER A 107 15.27 19.85 13.95
N SER A 108 14.68 18.66 14.04
CA SER A 108 13.49 18.41 14.83
C SER A 108 13.81 17.55 16.04
N SER A 109 13.07 17.76 17.13
CA SER A 109 13.33 17.10 18.41
C SER A 109 12.03 16.67 19.08
N LEU A 110 12.00 15.42 19.52
CA LEU A 110 10.83 14.86 20.17
C LEU A 110 11.02 14.75 21.68
N GLY A 111 9.91 14.91 22.39
CA GLY A 111 9.81 14.55 23.79
C GLY A 111 8.54 13.76 24.00
N ASP A 112 8.31 13.39 25.26
CA ASP A 112 7.09 12.65 25.59
C ASP A 112 5.86 13.43 25.19
N ARG A 113 5.81 14.71 25.59
CA ARG A 113 4.82 15.67 25.13
C ARG A 113 5.45 16.95 24.58
N GLU A 114 6.69 17.26 24.95
CA GLU A 114 7.40 18.48 24.59
C GLU A 114 8.06 18.38 23.22
N GLN A 115 8.30 19.54 22.61
CA GLN A 115 8.93 19.61 21.30
C GLN A 115 9.73 20.90 21.21
N SER A 116 10.61 20.97 20.22
CA SER A 116 11.41 22.16 19.94
C SER A 116 11.95 22.04 18.52
N LEU A 117 12.80 22.98 18.14
CA LEU A 117 13.37 23.03 16.81
C LEU A 117 14.74 23.70 16.87
N PHE A 118 15.57 23.41 15.87
CA PHE A 118 16.86 24.05 15.72
C PHE A 118 17.03 24.54 14.29
N LEU A 119 17.54 25.76 14.15
CA LEU A 119 17.67 26.41 12.86
C LEU A 119 19.11 26.87 12.65
N SER A 120 19.62 26.70 11.44
CA SER A 120 20.97 27.14 11.09
C SER A 120 20.95 27.85 9.75
N THR A 121 21.80 28.87 9.63
CA THR A 121 21.93 29.66 8.41
C THR A 121 23.33 29.59 7.81
N ASP A 122 24.26 28.84 8.41
CA ASP A 122 25.63 28.75 7.94
C ASP A 122 26.07 27.29 7.85
N GLU A 123 25.25 26.47 7.17
CA GLU A 123 25.56 25.06 6.92
C GLU A 123 25.77 24.28 8.21
N GLY A 124 24.92 24.54 9.20
CA GLY A 124 24.95 23.76 10.42
C GLY A 124 26.09 24.07 11.35
N ALA A 125 26.62 25.29 11.31
CA ALA A 125 27.69 25.69 12.22
C ALA A 125 27.16 26.28 13.51
N THR A 126 26.03 26.98 13.47
CA THR A 126 25.43 27.61 14.64
C THR A 126 23.94 27.30 14.65
N PHE A 127 23.56 26.24 15.35
CA PHE A 127 22.16 25.83 15.47
C PHE A 127 21.52 26.60 16.64
N GLN A 128 20.57 27.47 16.31
CA GLN A 128 19.83 28.22 17.32
C GLN A 128 18.55 27.47 17.67
N LYS A 129 18.18 27.51 18.95
CA LYS A 129 17.03 26.78 19.46
C LYS A 129 15.79 27.65 19.43
N TYR A 130 14.66 27.04 19.12
CA TYR A 130 13.35 27.68 19.11
C TYR A 130 12.32 26.69 19.63
N PRO A 131 11.22 27.17 20.18
CA PRO A 131 10.15 26.27 20.62
C PRO A 131 9.11 26.03 19.53
N VAL A 132 8.25 25.05 19.79
CA VAL A 132 7.16 24.67 18.90
C VAL A 132 5.87 24.68 19.70
N PRO A 133 4.80 25.33 19.21
CA PRO A 133 3.54 25.33 19.94
C PRO A 133 2.58 24.22 19.52
N PHE A 134 3.12 23.12 19.00
CA PHE A 134 2.29 22.01 18.53
C PHE A 134 3.19 20.78 18.39
N LEU A 135 2.56 19.65 18.06
CA LEU A 135 3.30 18.42 17.84
C LEU A 135 3.97 18.46 16.48
N VAL A 136 4.59 17.37 16.06
CA VAL A 136 5.26 17.34 14.75
C VAL A 136 5.26 15.90 14.23
N GLU A 137 5.04 15.78 12.94
CA GLU A 137 5.25 14.52 12.23
C GLU A 137 6.18 14.68 11.05
N THR A 138 6.06 15.76 10.28
CA THR A 138 7.03 16.04 9.24
C THR A 138 6.95 17.51 8.86
N LEU A 139 7.81 17.92 7.93
CA LEU A 139 7.86 19.29 7.44
C LEU A 139 7.91 19.27 5.91
N LEU A 140 7.74 20.45 5.32
CA LEU A 140 7.89 20.61 3.88
C LEU A 140 8.13 22.08 3.56
N PHE A 141 9.27 22.39 2.97
CA PHE A 141 9.60 23.76 2.61
C PHE A 141 8.85 24.19 1.35
N HIS A 142 9.00 25.46 1.02
CA HIS A 142 8.58 25.97 -0.28
C HIS A 142 9.70 25.76 -1.30
N PRO A 143 9.36 25.39 -2.53
CA PRO A 143 10.42 25.09 -3.52
C PRO A 143 11.39 26.24 -3.76
N LYS A 144 10.95 27.48 -3.62
CA LYS A 144 11.84 28.62 -3.85
C LYS A 144 11.90 29.59 -2.68
N GLU A 145 10.79 29.83 -1.99
CA GLU A 145 10.78 30.73 -0.85
C GLU A 145 11.62 30.15 0.27
N GLU A 146 12.67 30.87 0.66
CA GLU A 146 13.66 30.32 1.58
C GLU A 146 13.13 30.24 3.01
N ASP A 147 12.33 31.21 3.43
CA ASP A 147 11.85 31.28 4.80
C ASP A 147 10.48 30.67 5.00
N LYS A 148 9.85 30.17 3.94
CA LYS A 148 8.52 29.58 4.03
C LYS A 148 8.62 28.07 4.16
N VAL A 149 7.82 27.50 5.05
CA VAL A 149 7.78 26.07 5.30
C VAL A 149 6.53 25.71 6.08
N LEU A 150 5.89 24.59 5.72
CA LEU A 150 4.72 24.11 6.45
C LEU A 150 5.07 22.85 7.22
N ALA A 151 4.20 22.52 8.18
CA ALA A 151 4.43 21.45 9.13
C ALA A 151 3.21 20.54 9.23
N TYR A 152 3.44 19.24 9.07
CA TYR A 152 2.41 18.22 9.31
C TYR A 152 2.53 17.77 10.75
N THR A 153 1.51 18.08 11.54
CA THR A 153 1.46 17.81 12.97
C THR A 153 0.87 16.43 13.22
N LYS A 154 1.50 15.71 14.15
CA LYS A 154 1.26 14.28 14.35
C LYS A 154 -0.21 13.94 14.45
N ASP A 155 -1.00 14.80 15.10
CA ASP A 155 -2.43 14.53 15.24
C ASP A 155 -3.15 14.99 13.98
N SER A 156 -2.45 14.92 12.85
CA SER A 156 -2.98 15.29 11.54
C SER A 156 -3.44 16.75 11.53
N LYS A 157 -2.46 17.65 11.55
CA LYS A 157 -2.74 19.07 11.38
C LYS A 157 -1.75 19.65 10.39
N LEU A 158 -2.02 20.87 9.93
CA LEU A 158 -1.16 21.55 8.96
C LEU A 158 -0.96 22.99 9.41
N TYR A 159 0.25 23.28 9.89
CA TYR A 159 0.70 24.63 10.24
C TYR A 159 1.61 25.17 9.14
N VAL A 160 1.94 26.46 9.25
CA VAL A 160 2.82 27.10 8.27
C VAL A 160 3.60 28.21 8.96
N SER A 161 4.72 28.59 8.34
CA SER A 161 5.57 29.66 8.86
C SER A 161 6.34 30.29 7.71
N SER A 162 6.35 31.62 7.66
CA SER A 162 7.09 32.36 6.65
C SER A 162 8.35 33.00 7.22
N ASP A 163 8.71 32.68 8.46
CA ASP A 163 9.90 33.20 9.11
C ASP A 163 10.85 32.07 9.51
N LEU A 164 10.94 31.05 8.65
CA LEU A 164 11.87 29.93 8.80
C LEU A 164 11.51 29.01 9.96
N GLY A 165 10.27 29.07 10.45
CA GLY A 165 9.85 28.23 11.55
C GLY A 165 10.12 28.79 12.93
N LYS A 166 10.48 30.07 13.04
CA LYS A 166 10.69 30.66 14.35
C LYS A 166 9.37 30.81 15.10
N LYS A 167 8.33 31.30 14.40
CA LYS A 167 6.97 31.35 14.92
C LYS A 167 6.05 30.60 13.96
N TRP A 168 4.86 30.27 14.43
CA TRP A 168 3.97 29.40 13.67
C TRP A 168 2.53 29.88 13.75
N THR A 169 1.77 29.56 12.70
CA THR A 169 0.33 29.76 12.66
C THR A 169 -0.31 28.51 12.08
N LEU A 170 -1.63 28.43 12.16
CA LEU A 170 -2.37 27.24 11.76
C LEU A 170 -3.10 27.45 10.44
N LEU A 171 -3.05 26.43 9.58
CA LEU A 171 -3.78 26.45 8.32
C LEU A 171 -4.95 25.48 8.35
N GLN A 172 -4.71 24.18 8.43
CA GLN A 172 -5.79 23.19 8.37
C GLN A 172 -5.66 22.22 9.53
N GLU A 173 -6.75 21.50 9.79
CA GLU A 173 -6.83 20.69 11.00
C GLU A 173 -7.16 19.22 10.78
N ARG A 174 -7.46 18.79 9.55
CA ARG A 174 -7.78 17.39 9.28
C ARG A 174 -7.20 16.97 7.93
N VAL A 175 -5.94 17.29 7.69
CA VAL A 175 -5.29 16.91 6.44
C VAL A 175 -5.06 15.41 6.41
N THR A 176 -4.86 14.89 5.20
CA THR A 176 -4.55 13.48 4.99
C THR A 176 -3.04 13.28 4.88
N LYS A 177 -2.61 12.05 5.07
CA LYS A 177 -1.18 11.73 5.14
C LYS A 177 -0.52 11.93 3.78
N ASP A 178 0.40 12.90 3.70
CA ASP A 178 1.23 13.12 2.52
C ASP A 178 0.39 13.40 1.27
N HIS A 179 -0.62 14.26 1.41
CA HIS A 179 -1.42 14.72 0.29
C HIS A 179 -1.57 16.23 0.33
N VAL A 180 -0.52 16.93 0.76
CA VAL A 180 -0.48 18.38 0.81
C VAL A 180 0.64 18.84 -0.12
N PHE A 181 0.36 19.85 -0.94
CA PHE A 181 1.30 20.29 -1.97
C PHE A 181 1.43 21.81 -1.95
N TRP A 182 2.57 22.27 -2.46
CA TRP A 182 2.78 23.67 -2.79
C TRP A 182 2.51 23.87 -4.27
N ALA A 183 2.05 25.07 -4.62
CA ALA A 183 1.91 25.41 -6.03
C ALA A 183 3.28 25.52 -6.68
N VAL A 184 3.34 25.19 -7.97
CA VAL A 184 4.61 25.25 -8.69
C VAL A 184 5.08 26.70 -8.74
N SER A 185 6.39 26.89 -8.59
CA SER A 185 6.95 28.23 -8.67
C SER A 185 7.16 28.66 -10.12
N GLY A 186 7.57 27.72 -10.98
CA GLY A 186 7.75 28.04 -12.38
C GLY A 186 6.45 28.08 -13.17
N VAL A 187 5.43 27.34 -12.75
CA VAL A 187 4.17 27.28 -13.46
C VAL A 187 3.09 27.92 -12.59
N ASP A 188 1.98 28.30 -13.25
CA ASP A 188 0.79 28.83 -12.59
C ASP A 188 0.96 30.28 -12.13
N ASP A 189 2.19 30.80 -12.24
CA ASP A 189 2.56 32.20 -11.97
C ASP A 189 2.27 32.64 -10.53
N ASP A 190 1.79 31.77 -9.66
CA ASP A 190 1.49 32.14 -8.27
C ASP A 190 2.21 31.17 -7.35
N PRO A 191 3.06 31.65 -6.44
CA PRO A 191 3.91 30.71 -5.68
C PRO A 191 3.54 30.56 -4.21
N ASN A 192 2.47 31.21 -3.75
CA ASN A 192 2.13 31.18 -2.33
C ASN A 192 0.94 30.30 -2.00
N LEU A 193 0.52 29.43 -2.93
CA LEU A 193 -0.64 28.59 -2.68
C LEU A 193 -0.27 27.37 -1.85
N VAL A 194 -1.28 26.82 -1.18
CA VAL A 194 -1.16 25.58 -0.42
C VAL A 194 -2.36 24.72 -0.80
N HIS A 195 -2.10 23.64 -1.55
CA HIS A 195 -3.14 22.68 -1.94
C HIS A 195 -3.25 21.63 -0.85
N VAL A 196 -4.47 21.36 -0.39
CA VAL A 196 -4.72 20.53 0.78
C VAL A 196 -5.78 19.49 0.43
N GLU A 197 -5.56 18.25 0.86
CA GLU A 197 -6.61 17.24 0.91
C GLU A 197 -6.95 17.03 2.38
N ALA A 198 -8.13 17.49 2.79
CA ALA A 198 -8.48 17.50 4.21
C ALA A 198 -9.87 16.93 4.43
N GLN A 199 -10.07 16.35 5.62
CA GLN A 199 -11.35 15.76 5.97
C GLN A 199 -12.32 16.84 6.43
N ASP A 200 -13.41 17.01 5.69
CA ASP A 200 -14.47 17.94 6.03
C ASP A 200 -15.63 17.21 6.70
N LEU A 201 -16.21 17.87 7.70
CA LEU A 201 -17.41 17.44 8.43
C LEU A 201 -17.17 16.02 8.93
N SER A 202 -18.13 15.11 8.80
CA SER A 202 -17.98 13.73 9.22
C SER A 202 -17.88 12.86 7.97
N GLY A 203 -16.72 12.24 7.76
CA GLY A 203 -16.55 11.34 6.65
C GLY A 203 -16.55 11.99 5.28
N GLY A 204 -16.28 13.29 5.19
CA GLY A 204 -16.07 13.95 3.91
C GLY A 204 -14.58 14.19 3.70
N TYR A 205 -14.13 14.08 2.45
CA TYR A 205 -12.77 14.45 2.08
C TYR A 205 -12.86 15.45 0.94
N ARG A 206 -12.20 16.59 1.10
CA ARG A 206 -12.28 17.69 0.15
C ARG A 206 -10.89 18.17 -0.21
N TYR A 207 -10.85 18.98 -1.27
CA TYR A 207 -9.63 19.58 -1.81
C TYR A 207 -9.74 21.09 -1.64
N TYR A 208 -8.91 21.64 -0.76
CA TYR A 208 -8.87 23.07 -0.47
C TYR A 208 -7.63 23.69 -1.09
N THR A 209 -7.67 25.02 -1.21
CA THR A 209 -6.52 25.81 -1.65
C THR A 209 -6.49 27.07 -0.80
N CYS A 210 -5.45 27.21 0.03
CA CYS A 210 -5.32 28.38 0.88
C CYS A 210 -4.03 29.12 0.55
N LEU A 211 -3.79 30.20 1.26
CA LEU A 211 -2.59 31.03 1.08
C LEU A 211 -1.73 30.98 2.33
N ILE A 212 -0.59 31.68 2.26
CA ILE A 212 0.38 31.63 3.34
C ILE A 212 -0.14 32.25 4.63
N TYR A 213 -1.12 33.16 4.55
CA TYR A 213 -1.59 33.84 5.74
C TYR A 213 -2.81 33.16 6.37
N ASN A 214 -3.79 32.79 5.55
CA ASN A 214 -5.03 32.19 6.05
C ASN A 214 -5.78 31.61 4.86
N CYS A 215 -6.97 31.07 5.13
CA CYS A 215 -7.83 30.52 4.11
C CYS A 215 -8.95 31.49 3.75
N HIS A 220 -11.85 29.44 0.03
CA HIS A 220 -11.56 28.23 0.78
C HIS A 220 -11.48 27.03 -0.15
N ILE A 221 -12.41 26.95 -1.11
CA ILE A 221 -12.45 25.89 -2.10
C ILE A 221 -12.63 26.50 -3.49
N ALA A 222 -11.52 26.91 -4.12
CA ALA A 222 -11.63 27.51 -5.44
C ALA A 222 -11.95 26.48 -6.53
N PRO A 223 -11.26 25.35 -6.63
CA PRO A 223 -11.59 24.37 -7.68
C PRO A 223 -12.75 23.49 -7.28
N PHE A 224 -13.12 22.58 -8.18
CA PHE A 224 -14.18 21.63 -7.92
C PHE A 224 -13.83 20.74 -6.73
N SER A 225 -14.83 20.38 -5.94
CA SER A 225 -14.61 19.55 -4.76
C SER A 225 -15.77 18.57 -4.60
N GLY A 226 -15.44 17.30 -4.44
CA GLY A 226 -16.42 16.27 -4.18
C GLY A 226 -15.91 15.30 -3.14
N PRO A 227 -16.34 14.04 -3.21
CA PRO A 227 -15.83 13.04 -2.26
C PRO A 227 -14.64 12.25 -2.80
N ILE A 228 -13.64 12.03 -1.95
CA ILE A 228 -12.47 11.24 -2.28
C ILE A 228 -12.14 10.36 -1.09
N ASP A 229 -11.54 9.20 -1.33
CA ASP A 229 -11.05 8.35 -0.26
C ASP A 229 -9.53 8.40 -0.25
N ARG A 230 -8.99 9.59 0.09
CA ARG A 230 -7.56 9.82 0.17
C ARG A 230 -6.86 9.49 -1.15
N GLY A 231 -6.98 10.36 -2.14
CA GLY A 231 -6.41 10.10 -3.45
C GLY A 231 -6.06 11.35 -4.23
N SER A 232 -5.97 12.47 -3.54
CA SER A 232 -5.57 13.72 -4.18
C SER A 232 -4.12 13.65 -4.61
N LEU A 233 -3.86 13.91 -5.89
CA LEU A 233 -2.51 13.83 -6.44
C LEU A 233 -2.32 14.98 -7.40
N THR A 234 -1.31 15.81 -7.13
CA THR A 234 -0.93 16.92 -8.01
C THR A 234 0.55 16.81 -8.31
N VAL A 235 0.88 16.45 -9.54
CA VAL A 235 2.26 16.44 -9.99
C VAL A 235 2.66 17.86 -10.36
N GLN A 236 3.89 18.24 -10.02
CA GLN A 236 4.36 19.62 -10.18
C GLN A 236 4.26 20.11 -11.62
N ASP A 237 3.96 19.25 -12.58
CA ASP A 237 3.71 19.72 -13.93
C ASP A 237 2.29 20.31 -14.00
N GLU A 238 1.76 20.44 -15.21
CA GLU A 238 0.55 21.23 -15.42
C GLU A 238 -0.72 20.57 -14.90
N TYR A 239 -0.67 19.31 -14.48
CA TYR A 239 -1.89 18.55 -14.24
C TYR A 239 -2.22 18.46 -12.75
N ILE A 240 -3.53 18.30 -12.48
CA ILE A 240 -4.06 17.99 -11.16
C ILE A 240 -5.05 16.84 -11.33
N PHE A 241 -5.12 15.95 -10.34
CA PHE A 241 -5.92 14.75 -10.47
C PHE A 241 -6.86 14.56 -9.28
N LEU A 242 -7.87 13.73 -9.50
CA LEU A 242 -8.92 13.50 -8.50
C LEU A 242 -9.46 12.09 -8.63
N LYS A 243 -9.70 11.45 -7.48
CA LYS A 243 -10.25 10.09 -7.42
C LYS A 243 -11.61 10.17 -6.74
N ALA A 244 -12.68 10.17 -7.52
CA ALA A 244 -14.04 10.25 -6.99
C ALA A 244 -14.58 8.85 -6.78
N THR A 245 -14.63 8.41 -5.53
CA THR A 245 -15.28 7.15 -5.20
C THR A 245 -16.79 7.29 -5.32
N SER A 246 -17.43 6.34 -6.02
CA SER A 246 -18.89 6.40 -6.15
C SER A 246 -19.53 5.06 -5.81
N THR A 247 -20.83 4.95 -6.12
CA THR A 247 -21.67 3.91 -5.54
C THR A 247 -21.36 2.52 -6.10
N ASN A 248 -21.51 2.34 -7.44
CA ASN A 248 -21.07 1.09 -8.05
C ASN A 248 -19.93 1.27 -9.05
N ARG A 249 -19.77 2.45 -9.64
CA ARG A 249 -18.66 2.74 -10.54
C ARG A 249 -17.96 4.00 -10.09
N THR A 250 -16.63 3.95 -10.02
CA THR A 250 -15.83 5.09 -9.61
C THR A 250 -15.41 5.95 -10.80
N LYS A 251 -14.92 7.16 -10.50
CA LYS A 251 -14.55 8.11 -11.54
C LYS A 251 -13.21 8.76 -11.21
N TYR A 252 -12.56 9.33 -12.23
CA TYR A 252 -11.25 9.94 -12.08
C TYR A 252 -11.17 11.17 -12.96
N TYR A 253 -10.73 12.28 -12.38
CA TYR A 253 -10.81 13.59 -13.00
C TYR A 253 -9.43 14.24 -13.13
N VAL A 254 -9.32 15.13 -14.11
CA VAL A 254 -8.08 15.82 -14.45
C VAL A 254 -8.36 17.31 -14.58
N SER A 255 -7.33 18.11 -14.30
CA SER A 255 -7.39 19.57 -14.42
C SER A 255 -6.07 20.03 -15.00
N TYR A 256 -6.10 20.54 -16.23
CA TYR A 256 -4.90 20.95 -16.95
C TYR A 256 -4.75 22.46 -16.89
N ARG A 257 -3.57 22.94 -16.50
CA ARG A 257 -3.29 24.37 -16.33
C ARG A 257 -4.29 25.03 -15.39
N ARG A 258 -4.67 24.30 -14.34
CA ARG A 258 -5.62 24.78 -13.33
C ARG A 258 -6.93 25.23 -13.97
N SER A 259 -7.48 24.34 -14.80
CA SER A 259 -8.76 24.58 -15.45
C SER A 259 -9.87 23.87 -14.68
N ASP A 260 -11.04 23.77 -15.28
CA ASP A 260 -12.15 23.05 -14.66
C ASP A 260 -11.94 21.55 -14.79
N PHE A 261 -12.38 20.83 -13.76
CA PHE A 261 -12.17 19.39 -13.72
C PHE A 261 -13.02 18.69 -14.77
N VAL A 262 -12.41 17.70 -15.44
CA VAL A 262 -13.05 16.94 -16.51
C VAL A 262 -12.81 15.47 -16.25
N LEU A 263 -13.85 14.65 -16.45
CA LEU A 263 -13.71 13.21 -16.32
C LEU A 263 -12.79 12.68 -17.40
N MET A 264 -11.82 11.86 -16.98
CA MET A 264 -10.84 11.30 -17.92
C MET A 264 -11.47 10.19 -18.75
N LYS A 265 -11.08 10.15 -20.03
CA LYS A 265 -11.70 9.23 -20.99
C LYS A 265 -10.97 7.90 -20.94
N LEU A 266 -11.50 6.98 -20.16
CA LEU A 266 -11.10 5.58 -20.16
C LEU A 266 -12.12 4.75 -20.90
N PRO A 267 -11.74 3.58 -21.40
CA PRO A 267 -12.70 2.73 -22.10
C PRO A 267 -13.91 2.43 -21.23
N LYS A 268 -15.10 2.60 -21.83
CA LYS A 268 -16.34 2.49 -21.07
C LYS A 268 -16.49 1.14 -20.41
N TYR A 269 -15.99 0.08 -21.05
CA TYR A 269 -16.23 -1.27 -20.57
C TYR A 269 -14.98 -2.03 -20.19
N ALA A 270 -13.80 -1.63 -20.68
CA ALA A 270 -12.57 -2.12 -20.08
C ALA A 270 -12.45 -1.52 -18.69
N LEU A 271 -13.07 -2.17 -17.70
CA LEU A 271 -13.31 -1.57 -16.39
C LEU A 271 -12.02 -1.48 -15.58
N PRO A 272 -11.85 -0.41 -14.81
CA PRO A 272 -10.69 -0.31 -13.91
C PRO A 272 -10.97 -0.80 -12.49
N LYS A 273 -9.98 -1.44 -11.88
CA LYS A 273 -10.01 -1.72 -10.45
C LYS A 273 -9.27 -0.63 -9.69
N ASP A 274 -7.97 -0.51 -9.92
CA ASP A 274 -7.16 0.57 -9.38
C ASP A 274 -6.29 1.14 -10.49
N LEU A 275 -5.76 2.33 -10.24
CA LEU A 275 -4.90 2.99 -11.22
C LEU A 275 -3.86 3.82 -10.49
N GLN A 276 -2.76 4.07 -11.19
CA GLN A 276 -1.67 4.86 -10.64
C GLN A 276 -1.06 5.69 -11.76
N ILE A 277 -0.71 6.93 -11.44
CA ILE A 277 -0.12 7.84 -12.39
C ILE A 277 1.35 7.45 -12.59
N ILE A 278 1.67 6.87 -13.75
CA ILE A 278 3.06 6.49 -14.00
C ILE A 278 3.91 7.72 -14.27
N SER A 279 3.48 8.55 -15.23
CA SER A 279 4.28 9.69 -15.65
C SER A 279 3.37 10.75 -16.25
N THR A 280 3.21 11.86 -15.55
CA THR A 280 2.67 13.09 -16.13
C THR A 280 3.78 14.03 -16.55
N ASP A 281 4.91 13.46 -16.95
CA ASP A 281 6.08 14.20 -17.36
C ASP A 281 5.93 14.66 -18.81
N GLU A 282 6.81 15.59 -19.19
CA GLU A 282 6.90 16.23 -20.50
C GLU A 282 5.51 16.71 -20.93
N GLN A 283 5.02 16.33 -22.11
CA GLN A 283 3.80 16.91 -22.70
C GLN A 283 2.50 16.26 -22.24
N GLN A 284 2.48 14.94 -22.04
CA GLN A 284 1.22 14.24 -21.81
C GLN A 284 1.21 13.47 -20.50
N VAL A 285 0.22 12.59 -20.34
CA VAL A 285 -0.01 11.83 -19.13
C VAL A 285 0.09 10.35 -19.43
N PHE A 286 0.85 9.62 -18.62
CA PHE A 286 0.93 8.16 -18.70
C PHE A 286 0.34 7.59 -17.43
N VAL A 287 -0.66 6.71 -17.58
CA VAL A 287 -1.32 6.13 -16.43
C VAL A 287 -1.29 4.61 -16.59
N ALA A 288 -1.32 3.91 -15.45
CA ALA A 288 -1.44 2.46 -15.43
C ALA A 288 -2.77 2.11 -14.76
N VAL A 289 -3.50 1.20 -15.37
CA VAL A 289 -4.85 0.84 -14.94
C VAL A 289 -4.95 -0.68 -14.90
N GLN A 290 -5.29 -1.23 -13.75
CA GLN A 290 -5.48 -2.68 -13.63
C GLN A 290 -6.91 -3.01 -14.01
N GLU A 291 -7.10 -3.65 -15.16
CA GLU A 291 -8.44 -3.94 -15.65
C GLU A 291 -9.01 -5.22 -15.01
N TRP A 292 -8.40 -6.36 -15.31
CA TRP A 292 -8.80 -7.63 -14.71
C TRP A 292 -7.95 -7.89 -13.46
N ASN A 293 -8.61 -8.36 -12.40
CA ASN A 293 -7.97 -8.53 -11.10
C ASN A 293 -7.14 -9.81 -11.06
N GLN A 294 -6.15 -9.86 -11.95
CA GLN A 294 -5.12 -10.89 -11.86
C GLN A 294 -4.19 -10.66 -10.67
N VAL A 295 -4.32 -9.51 -10.00
CA VAL A 295 -3.46 -9.10 -8.89
C VAL A 295 -2.01 -9.12 -9.37
N ASP A 296 -1.80 -8.89 -10.66
CA ASP A 296 -0.47 -9.08 -11.23
C ASP A 296 -0.12 -8.10 -12.34
N THR A 297 -1.09 -7.76 -13.20
CA THR A 297 -0.79 -7.00 -14.39
C THR A 297 -1.60 -5.70 -14.46
N TYR A 298 -0.98 -4.68 -15.05
CA TYR A 298 -1.61 -3.40 -15.35
C TYR A 298 -1.52 -3.13 -16.85
N ASN A 299 -2.34 -2.20 -17.32
CA ASN A 299 -2.28 -1.73 -18.70
C ASN A 299 -1.82 -0.28 -18.71
N LEU A 300 -0.92 0.06 -19.63
CA LEU A 300 -0.35 1.39 -19.73
C LEU A 300 -1.08 2.17 -20.82
N TYR A 301 -1.77 3.24 -20.41
CA TYR A 301 -2.50 4.12 -21.29
C TYR A 301 -1.83 5.50 -21.34
N GLN A 302 -1.99 6.17 -22.48
CA GLN A 302 -1.41 7.48 -22.74
C GLN A 302 -2.50 8.45 -23.14
N SER A 303 -2.40 9.69 -22.66
CA SER A 303 -3.40 10.71 -22.94
C SER A 303 -2.87 11.68 -23.99
N ASP A 304 -3.53 12.84 -24.12
CA ASP A 304 -3.10 13.93 -24.99
C ASP A 304 -2.44 15.02 -24.15
N LEU A 305 -2.34 16.23 -24.69
CA LEU A 305 -1.78 17.33 -23.92
C LEU A 305 -2.70 17.72 -22.77
N ARG A 306 -4.02 17.68 -23.01
CA ARG A 306 -4.97 18.02 -21.96
C ARG A 306 -5.08 16.93 -20.90
N GLY A 307 -4.68 15.71 -21.22
CA GLY A 307 -4.77 14.61 -20.27
C GLY A 307 -6.15 14.04 -20.11
N VAL A 308 -6.89 13.84 -21.21
CA VAL A 308 -8.26 13.36 -21.14
C VAL A 308 -8.43 12.13 -22.04
N ARG A 309 -8.02 12.25 -23.29
CA ARG A 309 -8.23 11.18 -24.28
C ARG A 309 -7.16 10.12 -24.11
N TYR A 310 -7.48 9.04 -23.40
CA TYR A 310 -6.54 7.96 -23.13
C TYR A 310 -6.72 6.84 -24.15
N SER A 311 -5.62 6.39 -24.74
CA SER A 311 -5.62 5.25 -25.65
C SER A 311 -4.62 4.21 -25.16
N LEU A 312 -4.76 2.99 -25.69
CA LEU A 312 -3.90 1.90 -25.26
C LEU A 312 -2.48 2.10 -25.79
N VAL A 313 -1.50 1.72 -24.97
CA VAL A 313 -0.09 1.82 -25.36
C VAL A 313 0.61 0.51 -25.05
N LEU A 314 0.48 0.02 -23.82
CA LEU A 314 1.12 -1.23 -23.42
C LEU A 314 0.11 -2.12 -22.71
N GLU A 315 0.23 -3.43 -22.94
CA GLU A 315 -0.80 -4.37 -22.53
C GLU A 315 -0.66 -4.83 -21.08
N ASN A 316 0.48 -5.43 -20.71
CA ASN A 316 0.65 -6.01 -19.38
C ASN A 316 1.97 -5.58 -18.76
N VAL A 317 1.94 -5.30 -17.46
CA VAL A 317 3.11 -4.89 -16.69
C VAL A 317 3.00 -5.48 -15.29
N ARG A 318 4.15 -5.83 -14.69
CA ARG A 318 4.19 -6.38 -13.34
C ARG A 318 3.64 -5.37 -12.32
N SER A 319 3.19 -5.89 -11.19
CA SER A 319 2.63 -5.02 -10.14
C SER A 319 2.73 -5.71 -8.79
N SER A 320 3.33 -5.02 -7.82
CA SER A 320 3.50 -5.56 -6.48
C SER A 320 2.97 -4.57 -5.45
N ARG A 321 3.14 -4.94 -4.17
CA ARG A 321 2.70 -4.11 -3.04
C ARG A 321 3.62 -4.44 -1.86
N GLN A 322 4.71 -3.68 -1.74
CA GLN A 322 5.60 -3.82 -0.58
C GLN A 322 5.02 -3.08 0.63
N ALA A 323 4.98 -1.75 0.56
CA ALA A 323 4.28 -0.98 1.57
C ALA A 323 2.78 -1.31 1.54
N GLU A 324 2.10 -1.03 2.65
CA GLU A 324 0.72 -1.47 2.81
C GLU A 324 -0.18 -0.89 1.74
N GLU A 325 -0.13 0.42 1.53
CA GLU A 325 -0.99 1.10 0.58
C GLU A 325 -0.24 1.60 -0.65
N ASN A 326 1.04 1.27 -0.79
CA ASN A 326 1.86 1.71 -1.91
C ASN A 326 2.15 0.53 -2.82
N VAL A 327 1.91 0.71 -4.12
CA VAL A 327 2.21 -0.30 -5.12
C VAL A 327 3.34 0.21 -5.99
N VAL A 328 3.88 -0.70 -6.80
CA VAL A 328 4.99 -0.39 -7.70
C VAL A 328 4.73 -1.06 -9.03
N ILE A 329 5.04 -0.36 -10.12
CA ILE A 329 4.75 -0.81 -11.48
C ILE A 329 6.03 -0.73 -12.30
N ASP A 330 6.43 -1.86 -12.89
CA ASP A 330 7.71 -1.98 -13.57
C ASP A 330 7.77 -1.19 -14.87
N ILE A 331 8.25 0.05 -14.80
CA ILE A 331 8.40 0.89 -15.98
C ILE A 331 9.45 1.95 -15.67
N LEU A 332 10.24 2.29 -16.68
CA LEU A 332 11.34 3.25 -16.52
C LEU A 332 11.37 4.17 -17.73
N GLU A 333 11.27 5.48 -17.49
CA GLU A 333 11.30 6.48 -18.55
C GLU A 333 12.69 7.11 -18.60
N VAL A 334 13.34 7.02 -19.76
CA VAL A 334 14.69 7.56 -19.91
C VAL A 334 14.58 9.06 -20.14
N ARG A 335 14.98 9.85 -19.14
CA ARG A 335 14.92 11.29 -19.27
C ARG A 335 15.95 11.84 -20.25
N GLY A 336 16.99 11.05 -20.58
CA GLY A 336 18.01 11.52 -21.50
C GLY A 336 17.48 11.82 -22.89
N VAL A 337 16.50 11.04 -23.35
CA VAL A 337 15.87 11.24 -24.65
C VAL A 337 14.36 11.24 -24.43
N LYS A 338 13.73 12.38 -24.72
CA LYS A 338 12.29 12.51 -24.51
C LYS A 338 11.50 11.56 -25.41
N GLY A 339 10.88 10.55 -24.81
CA GLY A 339 10.10 9.58 -25.55
C GLY A 339 10.63 8.16 -25.54
N VAL A 340 11.62 7.85 -24.71
CA VAL A 340 12.20 6.52 -24.63
C VAL A 340 11.73 5.86 -23.34
N PHE A 341 11.12 4.68 -23.47
CA PHE A 341 10.58 3.97 -22.32
C PHE A 341 11.02 2.51 -22.34
N LEU A 342 11.19 1.95 -21.15
CA LEU A 342 11.44 0.53 -20.96
C LEU A 342 10.41 -0.01 -19.98
N ALA A 343 9.99 -1.26 -20.20
CA ALA A 343 8.95 -1.82 -19.35
C ALA A 343 9.03 -3.34 -19.37
N ASN A 344 8.62 -3.94 -18.26
CA ASN A 344 8.57 -5.38 -18.12
C ASN A 344 7.12 -5.85 -18.22
N GLN A 345 6.86 -6.74 -19.17
CA GLN A 345 5.54 -7.33 -19.35
C GLN A 345 5.51 -8.72 -18.72
N LYS A 346 4.34 -9.09 -18.19
CA LYS A 346 4.14 -10.43 -17.64
C LYS A 346 3.02 -11.10 -18.42
N VAL A 347 3.39 -12.03 -19.30
CA VAL A 347 2.44 -12.81 -20.08
C VAL A 347 2.52 -14.26 -19.63
N ASP A 348 1.38 -14.82 -19.22
CA ASP A 348 1.33 -16.14 -18.59
C ASP A 348 2.24 -16.15 -17.37
N GLY A 349 3.41 -16.78 -17.49
CA GLY A 349 4.34 -16.81 -16.39
C GLY A 349 5.68 -16.20 -16.73
N LYS A 350 5.78 -15.64 -17.93
CA LYS A 350 7.03 -15.09 -18.44
C LYS A 350 7.07 -13.58 -18.25
N VAL A 351 8.17 -13.10 -17.69
CA VAL A 351 8.44 -11.66 -17.52
C VAL A 351 9.48 -11.29 -18.56
N THR A 352 9.07 -10.54 -19.57
CA THR A 352 9.93 -10.11 -20.66
C THR A 352 10.16 -8.60 -20.58
N THR A 353 11.29 -8.16 -21.12
CA THR A 353 11.66 -6.75 -21.12
C THR A 353 11.54 -6.18 -22.52
N VAL A 354 10.88 -5.02 -22.65
CA VAL A 354 10.67 -4.36 -23.93
C VAL A 354 11.03 -2.89 -23.80
N ILE A 355 11.31 -2.27 -24.95
CA ILE A 355 11.71 -0.89 -25.03
C ILE A 355 10.99 -0.23 -26.20
N THR A 356 10.77 1.07 -26.10
CA THR A 356 10.17 1.84 -27.18
C THR A 356 10.86 3.19 -27.31
N TYR A 357 11.09 3.58 -28.56
CA TYR A 357 11.54 4.92 -28.91
C TYR A 357 10.41 5.78 -29.46
N ASN A 358 9.31 5.17 -29.90
CA ASN A 358 8.15 5.87 -30.44
C ASN A 358 7.21 6.38 -29.36
N LYS A 359 7.70 6.50 -28.12
CA LYS A 359 6.90 6.98 -27.00
C LYS A 359 5.67 6.11 -26.76
N GLY A 360 5.78 4.82 -27.07
CA GLY A 360 4.74 3.86 -26.77
C GLY A 360 3.98 3.31 -27.96
N ARG A 361 4.28 3.79 -29.17
CA ARG A 361 3.57 3.29 -30.35
C ARG A 361 3.94 1.85 -30.64
N ASP A 362 5.23 1.58 -30.79
CA ASP A 362 5.72 0.23 -31.05
C ASP A 362 6.82 -0.10 -30.05
N TRP A 363 6.73 -1.29 -29.46
CA TRP A 363 7.73 -1.79 -28.53
C TRP A 363 8.47 -2.96 -29.16
N ASP A 364 9.69 -3.20 -28.66
CA ASP A 364 10.50 -4.31 -29.14
C ASP A 364 11.46 -4.73 -28.04
N TYR A 365 12.11 -5.87 -28.24
CA TYR A 365 12.97 -6.47 -27.23
C TYR A 365 14.37 -5.86 -27.27
N LEU A 366 15.15 -6.17 -26.25
CA LEU A 366 16.52 -5.66 -26.14
C LEU A 366 17.50 -6.60 -26.82
N ARG A 367 18.46 -6.02 -27.53
CA ARG A 367 19.41 -6.82 -28.31
C ARG A 367 20.51 -7.35 -27.40
N PRO A 368 20.79 -8.65 -27.43
CA PRO A 368 21.83 -9.22 -26.56
C PRO A 368 23.23 -8.86 -27.05
N PRO A 369 24.20 -8.79 -26.14
CA PRO A 369 25.57 -8.44 -26.55
C PRO A 369 26.32 -9.60 -27.19
N SER A 370 26.10 -10.81 -26.66
CA SER A 370 26.79 -12.04 -27.08
C SER A 370 28.28 -12.00 -26.80
N THR A 371 28.73 -11.11 -25.91
CA THR A 371 30.14 -11.00 -25.55
C THR A 371 30.28 -10.74 -24.07
N ASP A 372 31.35 -11.29 -23.49
CA ASP A 372 31.74 -11.00 -22.11
C ASP A 372 33.26 -11.11 -22.01
N MET A 373 33.77 -11.47 -20.83
CA MET A 373 35.20 -11.79 -20.74
C MET A 373 35.55 -12.96 -21.65
N ASN A 374 34.63 -13.90 -21.82
CA ASN A 374 34.74 -14.97 -22.81
C ASN A 374 33.44 -14.96 -23.60
N GLY A 375 33.46 -14.29 -24.75
CA GLY A 375 32.25 -14.12 -25.53
C GLY A 375 31.92 -15.31 -26.40
N LYS A 376 31.86 -16.49 -25.81
CA LYS A 376 31.48 -17.69 -26.55
C LYS A 376 30.05 -17.53 -27.06
N PRO A 377 29.82 -17.59 -28.38
CA PRO A 377 28.48 -17.25 -28.92
C PRO A 377 27.42 -18.29 -28.64
N THR A 378 27.63 -19.18 -27.65
CA THR A 378 26.55 -20.02 -27.18
C THR A 378 25.48 -19.21 -26.46
N ASN A 379 25.75 -17.95 -26.15
CA ASN A 379 24.75 -17.06 -25.58
C ASN A 379 23.68 -16.73 -26.62
N CYS A 380 22.74 -15.87 -26.23
CA CYS A 380 21.52 -15.69 -27.00
C CYS A 380 21.74 -14.86 -28.26
N GLN A 381 21.04 -15.25 -29.30
CA GLN A 381 20.95 -14.56 -30.58
C GLN A 381 19.57 -13.91 -30.70
N PRO A 382 19.38 -13.00 -31.67
CA PRO A 382 18.10 -12.30 -31.80
C PRO A 382 16.89 -13.22 -31.86
N PRO A 383 16.87 -14.25 -32.72
CA PRO A 383 15.56 -14.85 -33.07
C PRO A 383 14.74 -15.36 -31.90
N ASP A 384 15.33 -16.11 -30.96
CA ASP A 384 14.54 -16.84 -29.99
C ASP A 384 14.77 -16.47 -28.52
N CYS A 385 15.76 -15.64 -28.21
CA CYS A 385 15.92 -15.19 -26.84
C CYS A 385 16.76 -13.91 -26.81
N TYR A 386 16.25 -12.89 -26.12
CA TYR A 386 16.83 -11.56 -26.11
C TYR A 386 17.49 -11.27 -24.76
N LEU A 387 17.61 -9.99 -24.43
CA LEU A 387 18.11 -9.53 -23.14
C LEU A 387 16.93 -9.05 -22.31
N HIS A 388 17.00 -9.29 -21.00
CA HIS A 388 15.95 -8.88 -20.09
C HIS A 388 16.59 -8.26 -18.86
N LEU A 389 15.92 -7.27 -18.27
CA LEU A 389 16.46 -6.53 -17.15
C LEU A 389 15.46 -6.47 -16.00
N HIS A 390 15.96 -6.56 -14.78
CA HIS A 390 15.14 -6.33 -13.59
C HIS A 390 15.08 -4.83 -13.34
N LEU A 391 13.95 -4.21 -13.70
CA LEU A 391 13.83 -2.76 -13.62
C LEU A 391 13.71 -2.28 -12.18
N ARG A 392 12.52 -2.42 -11.58
CA ARG A 392 12.28 -1.92 -10.22
C ARG A 392 12.10 -3.01 -9.19
N TRP A 393 12.26 -4.28 -9.57
CA TRP A 393 11.97 -5.40 -8.67
C TRP A 393 13.19 -6.31 -8.54
N ALA A 394 13.56 -6.62 -7.31
CA ALA A 394 14.54 -7.64 -7.00
C ALA A 394 13.82 -8.78 -6.31
N ASP A 395 13.53 -9.84 -7.06
CA ASP A 395 12.82 -10.99 -6.49
C ASP A 395 13.65 -11.70 -5.44
N ASN A 396 14.96 -11.71 -5.60
CA ASN A 396 15.77 -12.60 -4.78
C ASN A 396 16.14 -11.97 -3.44
N PRO A 397 16.37 -12.82 -2.43
CA PRO A 397 16.67 -12.38 -1.06
C PRO A 397 18.10 -11.90 -0.79
N TYR A 398 19.14 -12.51 -1.37
CA TYR A 398 20.50 -12.17 -0.90
C TYR A 398 20.84 -10.71 -1.18
N VAL A 399 20.34 -10.16 -2.28
CA VAL A 399 20.51 -8.73 -2.51
C VAL A 399 19.89 -7.96 -1.36
N SER A 400 20.63 -7.01 -0.79
CA SER A 400 20.16 -6.22 0.33
C SER A 400 19.55 -4.90 -0.08
N GLY A 401 20.18 -4.17 -1.00
CA GLY A 401 19.64 -2.90 -1.43
C GLY A 401 18.51 -3.05 -2.43
N THR A 402 17.74 -1.96 -2.56
CA THR A 402 16.70 -1.91 -3.58
C THR A 402 17.33 -2.02 -4.97
N VAL A 403 16.66 -2.76 -5.86
CA VAL A 403 17.18 -2.94 -7.20
C VAL A 403 16.95 -1.67 -8.01
N HIS A 404 17.84 -1.44 -8.98
CA HIS A 404 17.78 -0.21 -9.75
C HIS A 404 18.37 -0.45 -11.13
N THR A 405 17.76 0.16 -12.14
CA THR A 405 18.37 0.36 -13.45
C THR A 405 18.42 1.86 -13.69
N LYS A 406 19.63 2.40 -13.83
CA LYS A 406 19.82 3.84 -13.86
C LYS A 406 19.96 4.36 -15.28
N ASP A 407 19.59 5.63 -15.46
CA ASP A 407 19.48 6.23 -16.79
C ASP A 407 19.86 7.71 -16.74
N THR A 408 20.90 8.03 -15.97
CA THR A 408 21.23 9.44 -15.72
C THR A 408 21.67 10.15 -16.98
N ALA A 409 22.57 9.53 -17.74
CA ALA A 409 23.17 10.20 -18.89
C ALA A 409 22.41 9.86 -20.17
N PRO A 410 22.48 10.73 -21.18
CA PRO A 410 21.87 10.42 -22.48
C PRO A 410 22.60 9.27 -23.17
N GLY A 411 21.87 8.18 -23.44
CA GLY A 411 22.44 7.01 -24.06
C GLY A 411 23.01 5.98 -23.09
N LEU A 412 23.26 6.37 -21.84
CA LEU A 412 23.80 5.45 -20.83
C LEU A 412 22.65 4.84 -20.03
N ILE A 413 22.51 3.52 -20.11
CA ILE A 413 21.56 2.80 -19.26
C ILE A 413 22.26 1.54 -18.77
N MET A 414 22.45 1.45 -17.46
CA MET A 414 23.15 0.32 -16.84
C MET A 414 22.23 -0.33 -15.81
N GLY A 415 22.19 -1.66 -15.82
CA GLY A 415 21.30 -2.35 -14.90
C GLY A 415 21.55 -3.84 -14.90
N ALA A 416 20.93 -4.51 -13.93
CA ALA A 416 21.06 -5.94 -13.77
C ALA A 416 19.90 -6.66 -14.46
N GLY A 417 20.18 -7.86 -14.93
CA GLY A 417 19.13 -8.64 -15.57
C GLY A 417 19.59 -10.03 -15.94
N ASN A 418 18.75 -10.71 -16.69
CA ASN A 418 18.96 -12.06 -17.16
C ASN A 418 19.46 -12.00 -18.61
N LEU A 419 19.35 -13.11 -19.33
CA LEU A 419 19.71 -13.14 -20.75
C LEU A 419 19.11 -14.41 -21.33
N GLY A 420 17.95 -14.28 -21.98
CA GLY A 420 17.23 -15.46 -22.43
C GLY A 420 15.81 -15.14 -22.83
N SER A 421 14.85 -15.89 -22.31
CA SER A 421 13.44 -15.71 -22.66
C SER A 421 12.62 -15.06 -21.56
N GLN A 422 13.15 -14.92 -20.35
CA GLN A 422 12.42 -14.28 -19.26
C GLN A 422 13.42 -13.95 -18.14
N LEU A 423 12.90 -13.36 -17.07
CA LEU A 423 13.69 -13.05 -15.89
C LEU A 423 13.56 -14.17 -14.86
N VAL A 424 14.60 -14.32 -14.05
CA VAL A 424 14.64 -15.31 -12.97
C VAL A 424 15.21 -14.64 -11.71
N GLU A 425 15.27 -15.41 -10.62
CA GLU A 425 15.94 -14.98 -9.41
C GLU A 425 17.38 -15.46 -9.32
N TYR A 426 17.73 -16.52 -10.06
CA TYR A 426 19.01 -17.19 -9.86
C TYR A 426 20.18 -16.32 -10.27
N LYS A 427 20.23 -15.93 -11.54
CA LYS A 427 21.40 -15.26 -12.10
C LYS A 427 21.06 -13.82 -12.45
N GLU A 428 21.85 -12.89 -11.93
CA GLU A 428 21.75 -11.48 -12.26
C GLU A 428 23.11 -11.03 -12.78
N GLU A 429 23.12 -10.46 -13.98
CA GLU A 429 24.33 -9.93 -14.58
C GLU A 429 24.14 -8.46 -14.89
N MET A 430 25.19 -7.68 -14.67
CA MET A 430 25.15 -6.24 -14.87
C MET A 430 25.56 -5.92 -16.29
N TYR A 431 24.60 -5.42 -17.08
CA TYR A 431 24.78 -4.98 -18.44
C TYR A 431 24.73 -3.45 -18.50
N ILE A 432 25.19 -2.91 -19.63
CA ILE A 432 25.23 -1.48 -19.86
C ILE A 432 25.03 -1.21 -21.34
N THR A 433 24.46 -0.05 -21.65
CA THR A 433 24.34 0.43 -23.02
C THR A 433 24.78 1.89 -23.07
N SER A 434 25.52 2.22 -24.13
CA SER A 434 26.06 3.55 -24.35
C SER A 434 25.44 4.27 -25.53
N ASP A 435 24.51 3.63 -26.24
CA ASP A 435 23.83 4.24 -27.38
C ASP A 435 22.31 4.13 -27.25
N CYS A 436 21.81 4.11 -26.01
CA CYS A 436 20.38 4.12 -25.72
C CYS A 436 19.69 2.89 -26.31
N GLY A 437 20.10 1.72 -25.84
CA GLY A 437 19.40 0.48 -26.09
C GLY A 437 19.82 -0.27 -27.35
N HIS A 438 20.39 0.42 -28.34
CA HIS A 438 20.73 -0.25 -29.59
C HIS A 438 21.85 -1.27 -29.38
N THR A 439 22.88 -0.89 -28.63
CA THR A 439 24.02 -1.77 -28.36
C THR A 439 24.11 -1.99 -26.85
N TRP A 440 23.85 -3.22 -26.42
CA TRP A 440 24.03 -3.63 -25.04
C TRP A 440 25.34 -4.39 -24.90
N ARG A 441 25.92 -4.34 -23.70
CA ARG A 441 27.16 -5.03 -23.39
C ARG A 441 27.11 -5.52 -21.95
N GLN A 442 27.62 -6.72 -21.73
CA GLN A 442 27.66 -7.32 -20.39
C GLN A 442 28.92 -6.90 -19.66
N VAL A 443 28.79 -6.60 -18.37
CA VAL A 443 29.91 -6.12 -17.58
C VAL A 443 30.21 -7.05 -16.42
N PHE A 444 29.27 -7.16 -15.49
CA PHE A 444 29.54 -7.86 -14.22
C PHE A 444 28.66 -9.08 -14.05
N GLU A 445 29.11 -9.97 -13.16
CA GLU A 445 28.25 -10.97 -12.56
C GLU A 445 27.75 -10.42 -11.22
N GLU A 446 26.55 -10.86 -10.84
CA GLU A 446 25.87 -10.40 -9.62
C GLU A 446 25.50 -8.92 -9.71
N GLU A 447 24.59 -8.47 -8.85
CA GLU A 447 24.11 -7.10 -8.94
C GLU A 447 25.16 -6.12 -8.37
N HIS A 448 25.06 -4.87 -8.81
CA HIS A 448 26.00 -3.83 -8.42
C HIS A 448 25.30 -2.49 -8.28
N HIS A 449 25.44 -1.86 -7.11
CA HIS A 449 25.15 -0.45 -6.98
C HIS A 449 25.95 0.33 -8.01
N VAL A 450 25.28 1.28 -8.67
CA VAL A 450 25.88 2.11 -9.71
C VAL A 450 25.69 3.57 -9.34
N LEU A 451 26.76 4.35 -9.50
CA LEU A 451 26.72 5.79 -9.27
C LEU A 451 27.33 6.50 -10.46
N TYR A 452 26.66 7.54 -10.94
CA TYR A 452 27.11 8.32 -12.08
C TYR A 452 27.72 9.64 -11.62
N LEU A 453 28.75 10.09 -12.34
CA LEU A 453 29.40 11.36 -12.06
C LEU A 453 29.70 12.06 -13.38
N ASP A 454 29.58 13.39 -13.36
CA ASP A 454 29.89 14.24 -14.50
C ASP A 454 28.96 13.95 -15.68
N HIS A 455 27.66 13.92 -15.40
CA HIS A 455 26.63 13.70 -16.41
C HIS A 455 26.95 12.48 -17.28
N GLY A 456 27.33 11.40 -16.62
CA GLY A 456 27.73 10.20 -17.34
C GLY A 456 29.18 10.18 -17.74
N GLY A 457 30.06 10.78 -16.94
CA GLY A 457 31.48 10.77 -17.23
C GLY A 457 32.20 9.62 -16.56
N VAL A 458 31.85 9.35 -15.31
CA VAL A 458 32.45 8.27 -14.55
C VAL A 458 31.34 7.41 -13.96
N ILE A 459 31.50 6.09 -14.05
CA ILE A 459 30.51 5.14 -13.55
C ILE A 459 31.19 4.26 -12.51
N ALA A 460 30.70 4.31 -11.27
CA ALA A 460 31.25 3.54 -10.17
C ALA A 460 30.29 2.43 -9.77
N ALA A 461 30.84 1.26 -9.47
CA ALA A 461 30.06 0.05 -9.20
C ALA A 461 30.58 -0.63 -7.94
N ILE A 462 29.64 -1.10 -7.13
CA ILE A 462 29.93 -1.79 -5.87
C ILE A 462 28.98 -2.98 -5.75
N LYS A 463 29.52 -4.16 -5.51
CA LYS A 463 28.69 -5.37 -5.47
C LYS A 463 27.63 -5.28 -4.39
N ASP A 464 26.37 -5.38 -4.80
CA ASP A 464 25.23 -5.34 -3.89
C ASP A 464 24.97 -6.75 -3.37
N THR A 465 25.30 -6.99 -2.11
CA THR A 465 25.10 -8.29 -1.49
C THR A 465 25.18 -8.13 0.02
N SER A 466 24.96 -9.24 0.73
CA SER A 466 24.98 -9.22 2.18
C SER A 466 26.38 -9.42 2.77
N ILE A 467 27.35 -9.80 1.96
CA ILE A 467 28.71 -10.02 2.43
C ILE A 467 29.47 -8.70 2.36
N PRO A 468 30.33 -8.40 3.33
CA PRO A 468 31.14 -7.18 3.24
C PRO A 468 32.24 -7.33 2.21
N LEU A 469 32.84 -6.19 1.86
CA LEU A 469 33.87 -6.17 0.83
C LEU A 469 34.74 -4.94 1.04
N LYS A 470 35.82 -4.88 0.26
CA LYS A 470 36.73 -3.75 0.28
C LYS A 470 37.06 -3.24 -1.12
N ILE A 471 36.45 -3.79 -2.16
CA ILE A 471 36.78 -3.47 -3.53
C ILE A 471 35.88 -2.35 -4.04
N LEU A 472 36.17 -1.84 -5.23
CA LEU A 472 35.40 -0.76 -5.85
C LEU A 472 35.75 -0.73 -7.33
N LYS A 473 34.73 -0.80 -8.19
CA LYS A 473 34.95 -0.75 -9.63
C LYS A 473 34.62 0.64 -10.14
N PHE A 474 35.39 1.12 -11.12
CA PHE A 474 35.04 2.40 -11.74
C PHE A 474 35.53 2.42 -13.18
N SER A 475 34.75 3.08 -14.03
CA SER A 475 35.08 3.19 -15.45
C SER A 475 34.82 4.61 -15.93
N VAL A 476 35.75 5.15 -16.71
CA VAL A 476 35.61 6.49 -17.27
C VAL A 476 35.20 6.47 -18.74
N ASP A 477 35.18 5.30 -19.38
CA ASP A 477 34.84 5.19 -20.79
C ASP A 477 33.51 4.46 -20.99
N GLU A 478 32.54 4.75 -20.13
CA GLU A 478 31.16 4.26 -20.27
C GLU A 478 31.10 2.73 -20.25
N GLY A 479 31.89 2.13 -19.36
CA GLY A 479 31.77 0.71 -19.09
C GLY A 479 32.56 -0.20 -20.02
N HIS A 480 33.48 0.33 -20.81
CA HIS A 480 34.28 -0.52 -21.68
C HIS A 480 35.57 -1.00 -21.02
N THR A 481 36.08 -0.25 -20.05
CA THR A 481 37.28 -0.65 -19.31
C THR A 481 37.14 -0.18 -17.88
N TRP A 482 37.15 -1.11 -16.93
CA TRP A 482 36.98 -0.81 -15.53
C TRP A 482 38.29 -1.00 -14.79
N SER A 483 38.39 -0.34 -13.64
CA SER A 483 39.55 -0.43 -12.77
C SER A 483 39.09 -0.68 -11.34
N THR A 484 39.87 -1.47 -10.60
CA THR A 484 39.57 -1.87 -9.24
C THR A 484 40.37 -1.03 -8.26
N HIS A 485 39.79 -0.82 -7.08
CA HIS A 485 40.42 0.03 -6.07
C HIS A 485 40.00 -0.41 -4.68
N ASN A 486 40.98 -0.60 -3.80
CA ASN A 486 40.68 -0.86 -2.39
C ASN A 486 40.38 0.47 -1.73
N PHE A 487 39.09 0.78 -1.58
CA PHE A 487 38.69 2.06 -1.03
C PHE A 487 38.75 2.09 0.49
N THR A 488 38.89 0.93 1.14
CA THR A 488 38.95 0.85 2.60
C THR A 488 39.94 -0.24 2.99
N SER A 489 40.07 -0.45 4.30
CA SER A 489 40.93 -1.50 4.84
C SER A 489 40.08 -2.63 5.40
N THR A 490 39.44 -2.43 6.55
CA THR A 490 38.52 -3.42 7.09
C THR A 490 37.31 -3.54 6.18
N SER A 491 36.87 -4.78 5.96
CA SER A 491 35.72 -5.00 5.10
C SER A 491 34.47 -4.34 5.69
N VAL A 492 33.67 -3.73 4.82
CA VAL A 492 32.52 -2.92 5.22
C VAL A 492 31.27 -3.44 4.54
N PHE A 493 30.15 -3.45 5.28
CA PHE A 493 28.85 -3.63 4.67
C PHE A 493 28.45 -2.35 3.94
N VAL A 494 28.12 -2.47 2.65
CA VAL A 494 27.81 -1.31 1.84
C VAL A 494 26.33 -0.99 2.01
N ASP A 495 26.06 0.18 2.61
CA ASP A 495 24.69 0.64 2.81
C ASP A 495 24.23 1.61 1.73
N GLY A 496 25.09 2.54 1.30
CA GLY A 496 24.64 3.49 0.29
C GLY A 496 25.74 4.22 -0.42
N LEU A 497 25.39 4.71 -1.61
CA LEU A 497 26.24 5.53 -2.47
C LEU A 497 25.55 6.87 -2.71
N LEU A 498 26.30 7.96 -2.54
CA LEU A 498 25.79 9.30 -2.78
C LEU A 498 26.82 10.09 -3.57
N SER A 499 26.37 11.19 -4.17
CA SER A 499 27.24 12.08 -4.93
C SER A 499 26.98 13.52 -4.52
N GLU A 500 27.98 14.36 -4.73
CA GLU A 500 27.82 15.78 -4.46
C GLU A 500 26.75 16.36 -5.38
N PRO A 501 25.84 17.17 -4.86
CA PRO A 501 24.73 17.67 -5.68
C PRO A 501 25.22 18.39 -6.94
N GLY A 502 24.42 18.27 -8.00
CA GLY A 502 24.76 18.77 -9.31
C GLY A 502 25.08 17.65 -10.29
N ASP A 503 25.84 16.66 -9.81
CA ASP A 503 26.18 15.47 -10.59
C ASP A 503 27.10 15.84 -11.75
N GLU A 504 27.47 17.11 -11.87
CA GLU A 504 28.56 17.46 -12.77
C GLU A 504 29.92 17.34 -12.09
N THR A 505 29.92 17.06 -10.78
CA THR A 505 31.14 16.92 -10.01
C THR A 505 31.70 15.51 -10.16
N LEU A 506 32.81 15.24 -9.46
CA LEU A 506 33.45 13.94 -9.47
C LEU A 506 33.81 13.49 -8.06
N VAL A 507 33.00 13.90 -7.08
CA VAL A 507 33.18 13.50 -5.69
C VAL A 507 32.10 12.49 -5.33
N MET A 508 32.51 11.38 -4.74
CA MET A 508 31.62 10.27 -4.41
C MET A 508 31.70 9.97 -2.92
N THR A 509 30.58 9.57 -2.33
CA THR A 509 30.50 9.22 -0.92
C THR A 509 29.94 7.83 -0.77
N VAL A 510 30.67 6.94 -0.10
CA VAL A 510 30.20 5.60 0.21
C VAL A 510 30.00 5.52 1.71
N PHE A 511 28.92 4.86 2.14
CA PHE A 511 28.70 4.76 3.58
C PHE A 511 28.14 3.40 3.96
N GLY A 512 28.60 2.91 5.12
CA GLY A 512 28.10 1.66 5.66
C GLY A 512 28.78 1.36 6.98
N HIS A 513 28.28 0.33 7.65
CA HIS A 513 28.82 -0.10 8.93
C HIS A 513 29.74 -1.30 8.73
N ILE A 514 30.91 -1.26 9.35
CA ILE A 514 31.95 -2.26 9.12
C ILE A 514 31.54 -3.60 9.75
N SER A 515 32.37 -4.62 9.56
CA SER A 515 31.98 -6.00 9.85
C SER A 515 32.19 -6.39 11.31
N PHE A 516 33.44 -6.32 11.79
CA PHE A 516 33.74 -6.81 13.12
C PHE A 516 33.10 -5.95 14.20
N ARG A 517 33.14 -4.63 14.05
CA ARG A 517 32.49 -3.69 14.96
C ARG A 517 31.34 -3.01 14.23
N SER A 518 30.42 -2.45 15.01
CA SER A 518 29.19 -1.90 14.44
C SER A 518 29.28 -0.41 14.11
N ASP A 519 30.39 0.25 14.44
CA ASP A 519 30.48 1.68 14.19
C ASP A 519 30.50 1.97 12.69
N TRP A 520 29.99 3.14 12.33
CA TRP A 520 29.79 3.52 10.94
C TRP A 520 31.10 3.97 10.30
N GLU A 521 31.11 3.98 8.97
CA GLU A 521 32.28 4.38 8.20
C GLU A 521 31.81 5.01 6.90
N LEU A 522 32.45 6.13 6.56
CA LEU A 522 32.21 6.85 5.31
C LEU A 522 33.52 6.93 4.52
N VAL A 523 33.39 7.02 3.20
CA VAL A 523 34.54 7.05 2.31
C VAL A 523 34.30 8.11 1.25
N LYS A 524 35.21 9.09 1.18
CA LYS A 524 35.22 10.08 0.12
C LYS A 524 36.12 9.59 -1.01
N VAL A 525 35.63 9.69 -2.23
CA VAL A 525 36.40 9.33 -3.43
C VAL A 525 36.44 10.56 -4.33
N ASP A 526 37.63 10.91 -4.81
CA ASP A 526 37.86 12.11 -5.59
C ASP A 526 38.53 11.71 -6.90
N PHE A 527 37.78 11.82 -8.00
CA PHE A 527 38.30 11.57 -9.34
C PHE A 527 38.81 12.84 -10.02
N ARG A 528 38.68 13.99 -9.37
CA ARG A 528 39.15 15.23 -9.97
C ARG A 528 40.66 15.26 -10.24
N PRO A 529 41.54 14.63 -9.45
CA PRO A 529 42.96 14.59 -9.84
C PRO A 529 43.21 14.10 -11.25
N SER A 530 42.35 13.25 -11.79
CA SER A 530 42.50 12.79 -13.16
C SER A 530 41.68 13.61 -14.16
N PHE A 531 40.67 14.33 -13.69
CA PHE A 531 39.85 15.20 -14.53
C PHE A 531 39.78 16.59 -13.92
N PRO A 532 40.85 17.38 -14.02
CA PRO A 532 40.80 18.78 -13.58
C PRO A 532 40.63 19.79 -14.70
N ARG A 533 40.49 19.34 -15.95
CA ARG A 533 40.41 20.21 -17.10
C ARG A 533 38.99 20.22 -17.67
N GLN A 534 38.57 21.37 -18.18
CA GLN A 534 37.27 21.50 -18.83
C GLN A 534 37.34 20.96 -20.25
N CYS A 535 36.30 20.22 -20.64
CA CYS A 535 36.23 19.69 -22.00
C CYS A 535 36.02 20.81 -23.01
N GLY A 536 36.78 20.76 -24.10
CA GLY A 536 36.55 21.65 -25.22
C GLY A 536 35.60 21.05 -26.22
N GLU A 537 35.20 21.88 -27.19
CA GLU A 537 34.28 21.40 -28.23
C GLU A 537 34.93 20.37 -29.15
N ASP A 538 36.25 20.22 -29.11
CA ASP A 538 36.97 19.21 -29.87
C ASP A 538 37.43 18.05 -29.00
N ASP A 539 36.89 17.93 -27.78
CA ASP A 539 37.16 16.81 -26.91
C ASP A 539 36.13 15.70 -27.04
N TYR A 540 35.24 15.79 -28.02
CA TYR A 540 34.16 14.83 -28.21
C TYR A 540 34.22 14.22 -29.61
N SER A 541 33.68 13.02 -29.73
CA SER A 541 33.46 12.36 -31.00
C SER A 541 31.96 12.27 -31.26
N SER A 542 31.61 12.15 -32.54
CA SER A 542 30.22 12.14 -32.95
C SER A 542 29.58 10.78 -32.65
N TRP A 543 28.27 10.80 -32.46
CA TRP A 543 27.50 9.57 -32.34
C TRP A 543 26.06 9.87 -32.78
N ASP A 544 25.69 9.37 -33.95
CA ASP A 544 24.34 9.59 -34.46
C ASP A 544 23.35 8.67 -33.77
N LEU A 545 22.18 9.20 -33.46
CA LEU A 545 21.16 8.44 -32.75
C LEU A 545 20.36 7.59 -33.73
N THR A 546 20.33 6.29 -33.50
CA THR A 546 19.51 5.36 -34.27
C THR A 546 18.57 4.62 -33.33
N ASP A 547 17.94 3.57 -33.84
CA ASP A 547 17.08 2.71 -33.02
C ASP A 547 17.45 1.27 -33.32
N LEU A 548 16.53 0.35 -33.00
CA LEU A 548 16.73 -1.06 -33.30
C LEU A 548 16.53 -1.38 -34.78
N GLN A 549 16.19 -0.39 -35.59
CA GLN A 549 16.02 -0.57 -37.03
C GLN A 549 17.02 0.23 -37.85
N GLY A 550 17.95 0.93 -37.21
CA GLY A 550 18.88 1.76 -37.93
C GLY A 550 18.29 3.04 -38.50
N ASP A 551 17.08 3.41 -38.08
CA ASP A 551 16.41 4.60 -38.57
C ASP A 551 16.80 5.80 -37.72
N HIS A 552 17.14 6.92 -38.37
CA HIS A 552 17.54 8.13 -37.67
C HIS A 552 16.37 9.04 -37.36
N CYS A 553 15.26 8.96 -38.10
CA CYS A 553 14.08 9.78 -37.86
C CYS A 553 13.34 9.23 -36.64
N ILE A 554 13.76 9.67 -35.46
CA ILE A 554 13.12 9.31 -34.20
C ILE A 554 12.35 10.52 -33.70
N MET A 555 11.06 10.32 -33.41
CA MET A 555 10.15 11.41 -33.07
C MET A 555 10.14 12.48 -34.16
N GLY A 556 10.34 12.06 -35.40
CA GLY A 556 10.41 12.96 -36.53
C GLY A 556 11.69 13.75 -36.65
N GLN A 557 12.66 13.53 -35.77
CA GLN A 557 13.87 14.36 -35.70
C GLN A 557 15.11 13.47 -35.67
N GLN A 558 15.95 13.59 -36.68
CA GLN A 558 17.27 12.98 -36.65
C GLN A 558 18.13 13.72 -35.63
N ARG A 559 18.68 12.98 -34.67
CA ARG A 559 19.48 13.57 -33.60
C ARG A 559 20.86 12.95 -33.60
N SER A 560 21.86 13.74 -33.23
CA SER A 560 23.21 13.23 -33.03
C SER A 560 23.81 13.87 -31.80
N TYR A 561 24.43 13.08 -30.94
CA TYR A 561 25.03 13.54 -29.71
C TYR A 561 26.55 13.39 -29.77
N ARG A 562 27.19 13.87 -28.70
CA ARG A 562 28.65 13.82 -28.58
C ARG A 562 29.04 12.93 -27.42
N LYS A 563 30.11 12.16 -27.60
CA LYS A 563 30.65 11.29 -26.56
C LYS A 563 32.11 11.65 -26.31
N ARG A 564 32.49 11.76 -25.04
CA ARG A 564 33.84 12.21 -24.70
C ARG A 564 34.89 11.28 -25.30
N LYS A 565 35.95 11.87 -25.84
CA LYS A 565 37.01 11.10 -26.47
C LYS A 565 37.71 10.22 -25.45
N SER A 566 38.06 9.00 -25.88
CA SER A 566 38.82 8.11 -25.01
C SER A 566 40.22 8.64 -24.76
N THR A 567 40.78 9.37 -25.72
CA THR A 567 42.10 9.98 -25.57
C THR A 567 41.99 11.40 -25.03
N SER A 568 41.27 11.57 -23.93
CA SER A 568 41.07 12.88 -23.33
C SER A 568 40.59 12.70 -21.90
N TRP A 569 41.18 13.48 -20.99
CA TRP A 569 40.78 13.52 -19.58
C TRP A 569 40.26 14.92 -19.29
N CYS A 570 38.94 15.10 -19.43
CA CYS A 570 38.33 16.40 -19.18
C CYS A 570 36.94 16.18 -18.59
N VAL A 571 36.37 17.28 -18.06
CA VAL A 571 35.08 17.26 -17.39
C VAL A 571 34.02 17.73 -18.37
N LYS A 572 32.92 16.96 -18.47
CA LYS A 572 31.84 17.31 -19.40
C LYS A 572 31.21 18.65 -19.05
N GLY A 573 31.35 19.12 -17.81
CA GLY A 573 31.10 20.51 -17.49
C GLY A 573 29.84 20.68 -16.66
N ARG A 574 29.76 21.87 -16.03
CA ARG A 574 28.54 22.28 -15.35
C ARG A 574 27.35 22.30 -16.31
N SER A 575 27.59 22.72 -17.55
CA SER A 575 26.60 22.65 -18.61
C SER A 575 27.08 21.67 -19.67
N PHE A 576 26.22 20.76 -20.07
CA PHE A 576 26.58 19.71 -21.01
C PHE A 576 26.01 20.01 -22.39
N THR A 577 26.81 19.74 -23.42
CA THR A 577 26.41 19.96 -24.81
C THR A 577 25.95 18.63 -25.40
N SER A 578 24.67 18.55 -25.75
CA SER A 578 24.09 17.34 -26.30
C SER A 578 23.11 17.70 -27.40
N ALA A 579 22.89 16.75 -28.31
CA ALA A 579 21.94 16.89 -29.41
C ALA A 579 22.25 18.13 -30.25
N LEU A 580 23.54 18.30 -30.57
CA LEU A 580 23.96 19.49 -31.30
C LEU A 580 23.62 19.37 -32.79
N THR A 581 23.75 18.17 -33.36
CA THR A 581 23.36 17.94 -34.76
C THR A 581 21.90 17.52 -34.76
N SER A 582 21.02 18.43 -35.15
CA SER A 582 19.59 18.20 -35.20
C SER A 582 19.11 18.44 -36.63
N ARG A 583 18.53 17.41 -37.24
CA ARG A 583 17.91 17.51 -38.55
C ARG A 583 16.46 17.06 -38.45
N VAL A 584 15.64 17.50 -39.39
CA VAL A 584 14.21 17.23 -39.35
C VAL A 584 13.86 16.21 -40.43
N CYS A 585 12.75 15.50 -40.21
CA CYS A 585 12.19 14.58 -41.17
C CYS A 585 10.74 14.95 -41.41
N LYS A 586 10.20 14.45 -42.52
CA LYS A 586 8.78 14.59 -42.78
C LYS A 586 7.99 13.49 -42.06
N CYS A 587 6.73 13.77 -41.80
CA CYS A 587 5.91 12.83 -41.05
C CYS A 587 5.66 11.56 -41.83
N ARG A 588 5.41 10.47 -41.11
CA ARG A 588 5.15 9.16 -41.69
C ARG A 588 4.01 8.51 -40.93
N ASP A 589 3.60 7.32 -41.39
CA ASP A 589 2.58 6.58 -40.69
C ASP A 589 3.04 6.14 -39.30
N SER A 590 4.36 5.98 -39.12
CA SER A 590 4.93 5.61 -37.84
C SER A 590 4.96 6.76 -36.84
N ASP A 591 4.53 7.95 -37.24
CA ASP A 591 4.45 9.09 -36.35
C ASP A 591 3.03 9.34 -35.84
N PHE A 592 2.10 8.42 -36.11
CA PHE A 592 0.72 8.53 -35.67
C PHE A 592 0.31 7.26 -34.95
N LEU A 593 -0.49 7.40 -33.90
CA LEU A 593 -1.05 6.28 -33.15
C LEU A 593 -2.56 6.42 -33.12
N CYS A 594 -3.22 5.43 -32.53
CA CYS A 594 -4.68 5.44 -32.49
C CYS A 594 -5.18 6.47 -31.49
N ASP A 595 -6.37 7.02 -31.77
CA ASP A 595 -7.01 7.98 -30.89
C ASP A 595 -7.81 7.22 -29.83
N TYR A 596 -8.57 7.95 -29.02
CA TYR A 596 -9.33 7.33 -27.94
C TYR A 596 -10.43 6.44 -28.52
N GLY A 597 -10.33 5.14 -28.24
CA GLY A 597 -11.35 4.19 -28.66
C GLY A 597 -11.09 3.50 -29.98
N PHE A 598 -9.89 3.62 -30.54
CA PHE A 598 -9.54 2.95 -31.77
C PHE A 598 -8.35 2.03 -31.53
N GLU A 599 -8.34 0.90 -32.23
CA GLU A 599 -7.34 -0.14 -31.99
C GLU A 599 -6.72 -0.60 -33.30
N ARG A 600 -5.57 -1.25 -33.19
CA ARG A 600 -4.74 -1.62 -34.32
C ARG A 600 -5.04 -3.04 -34.78
N SER A 601 -4.81 -3.29 -36.08
CA SER A 601 -5.17 -4.56 -36.70
C SER A 601 -3.92 -5.43 -36.90
N SER A 602 -4.14 -6.74 -37.02
CA SER A 602 -3.11 -7.72 -37.30
C SER A 602 -1.98 -7.73 -36.29
N SER A 603 -0.74 -7.89 -36.75
CA SER A 603 0.37 -8.11 -35.83
C SER A 603 1.56 -7.24 -36.24
N SER A 604 2.68 -7.45 -35.56
CA SER A 604 3.90 -6.69 -35.83
C SER A 604 4.55 -7.14 -37.13
N GLU A 605 5.15 -6.18 -37.82
CA GLU A 605 5.80 -6.42 -39.12
C GLU A 605 4.84 -7.07 -40.11
N SER A 606 3.61 -6.53 -40.16
CA SER A 606 2.59 -7.02 -41.07
C SER A 606 1.75 -5.86 -41.59
N THR A 607 0.51 -5.77 -41.11
CA THR A 607 -0.35 -4.66 -41.49
C THR A 607 0.09 -3.39 -40.77
N ALA A 608 0.08 -2.28 -41.50
CA ALA A 608 0.53 -1.00 -40.96
C ALA A 608 -0.47 -0.50 -39.92
N ASN A 609 -0.29 0.76 -39.49
CA ASN A 609 -1.13 1.33 -38.45
C ASN A 609 -2.54 1.59 -38.98
N LYS A 610 -3.40 0.58 -38.88
CA LYS A 610 -4.81 0.70 -39.23
C LYS A 610 -5.61 0.72 -37.94
N CYS A 611 -6.10 1.90 -37.56
CA CYS A 611 -6.89 2.07 -36.34
C CYS A 611 -8.36 2.00 -36.71
N SER A 612 -9.03 0.94 -36.26
CA SER A 612 -10.47 0.80 -36.42
C SER A 612 -11.17 1.07 -35.09
N ALA A 613 -12.37 1.64 -35.19
CA ALA A 613 -13.16 1.95 -34.01
C ALA A 613 -13.74 0.68 -33.41
N ASN A 614 -13.49 0.46 -32.12
CA ASN A 614 -14.09 -0.67 -31.44
C ASN A 614 -15.58 -0.42 -31.21
N PHE A 615 -16.24 -1.38 -30.57
CA PHE A 615 -17.68 -1.47 -30.67
C PHE A 615 -18.42 -0.52 -29.72
N TRP A 616 -17.88 -0.29 -28.51
CA TRP A 616 -18.67 0.38 -27.50
C TRP A 616 -18.98 1.83 -27.87
N PHE A 617 -18.07 2.50 -28.57
CA PHE A 617 -18.28 3.88 -28.98
C PHE A 617 -18.02 4.02 -30.48
N ASN A 618 -18.78 4.92 -31.10
CA ASN A 618 -18.59 5.19 -32.52
C ASN A 618 -18.32 6.67 -32.74
N PRO A 619 -17.39 7.01 -33.64
CA PRO A 619 -17.01 8.42 -33.82
C PRO A 619 -18.14 9.30 -34.33
N LEU A 620 -19.26 8.72 -34.76
CA LEU A 620 -20.42 9.51 -35.16
C LEU A 620 -21.07 10.21 -33.98
N SER A 621 -20.90 9.68 -32.78
CA SER A 621 -21.61 10.18 -31.61
C SER A 621 -21.23 11.64 -31.32
N PRO A 622 -22.14 12.41 -30.75
CA PRO A 622 -21.84 13.81 -30.41
C PRO A 622 -20.94 13.87 -29.19
N PRO A 623 -20.19 14.94 -29.03
CA PRO A 623 -19.34 15.10 -27.84
C PRO A 623 -20.18 15.55 -26.65
N GLU A 624 -19.54 15.52 -25.49
CA GLU A 624 -20.23 15.91 -24.27
C GLU A 624 -20.42 17.43 -24.24
N ASP A 625 -21.68 17.83 -24.05
CA ASP A 625 -22.07 19.23 -23.88
C ASP A 625 -21.86 20.04 -25.15
N CYS A 626 -22.44 19.57 -26.26
CA CYS A 626 -22.51 20.39 -27.47
C CYS A 626 -23.81 21.19 -27.40
N VAL A 627 -23.73 22.41 -26.88
CA VAL A 627 -24.88 23.29 -26.86
C VAL A 627 -25.24 23.67 -28.29
N LEU A 628 -26.54 23.90 -28.52
CA LEU A 628 -27.00 24.32 -29.84
C LEU A 628 -26.28 25.57 -30.27
N GLY A 629 -25.66 25.52 -31.45
CA GLY A 629 -24.87 26.63 -31.94
C GLY A 629 -23.43 26.23 -32.20
N GLN A 630 -22.86 25.45 -31.30
CA GLN A 630 -21.50 24.96 -31.49
C GLN A 630 -21.46 23.95 -32.63
N THR A 631 -20.25 23.60 -33.06
CA THR A 631 -20.03 22.64 -34.14
C THR A 631 -18.88 21.73 -33.76
N TYR A 632 -19.16 20.45 -33.56
CA TYR A 632 -18.11 19.52 -33.17
C TYR A 632 -17.42 18.93 -34.40
N THR A 633 -16.19 18.48 -34.19
CA THR A 633 -15.38 17.86 -35.24
C THR A 633 -15.21 16.39 -34.91
N SER A 634 -15.75 15.52 -35.77
CA SER A 634 -15.57 14.09 -35.56
C SER A 634 -14.13 13.70 -35.84
N SER A 635 -13.68 12.62 -35.19
CA SER A 635 -12.33 12.11 -35.36
C SER A 635 -12.34 10.85 -36.21
N LEU A 636 -11.22 10.59 -36.87
CA LEU A 636 -11.06 9.39 -37.69
C LEU A 636 -10.28 8.28 -36.99
N GLY A 637 -9.76 8.54 -35.79
CA GLY A 637 -9.14 7.52 -35.00
C GLY A 637 -7.62 7.54 -34.95
N TYR A 638 -6.99 8.60 -35.42
CA TYR A 638 -5.54 8.71 -35.39
C TYR A 638 -5.15 10.06 -34.82
N ARG A 639 -3.96 10.11 -34.23
CA ARG A 639 -3.40 11.34 -33.70
C ARG A 639 -1.89 11.26 -33.76
N LYS A 640 -1.26 12.39 -34.07
CA LYS A 640 0.19 12.44 -34.11
C LYS A 640 0.78 12.17 -32.73
N VAL A 641 1.90 11.46 -32.71
CA VAL A 641 2.59 11.18 -31.45
C VAL A 641 2.92 12.50 -30.77
N VAL A 642 2.47 12.65 -29.53
CA VAL A 642 2.73 13.88 -28.80
C VAL A 642 4.23 14.03 -28.60
N SER A 643 4.74 15.23 -28.91
CA SER A 643 6.15 15.63 -28.91
C SER A 643 6.90 15.14 -30.15
N ASN A 644 6.19 14.68 -31.18
CA ASN A 644 6.82 14.33 -32.44
C ASN A 644 6.91 15.60 -33.30
N VAL A 645 8.12 15.95 -33.71
CA VAL A 645 8.36 17.20 -34.42
C VAL A 645 8.70 16.94 -35.87
N CYS A 646 7.81 16.29 -36.59
CA CYS A 646 7.98 16.01 -38.01
C CYS A 646 7.28 17.07 -38.85
N GLU A 647 7.75 17.25 -40.07
CA GLU A 647 7.19 18.25 -40.97
C GLU A 647 5.80 17.82 -41.45
N GLY A 648 4.79 18.58 -41.05
CA GLY A 648 3.42 18.23 -41.37
C GLY A 648 2.98 18.67 -42.75
N GLY A 649 1.75 19.20 -42.84
CA GLY A 649 1.18 19.59 -44.11
C GLY A 649 0.60 18.42 -44.87
N VAL A 650 1.47 17.46 -45.20
CA VAL A 650 1.05 16.22 -45.85
C VAL A 650 1.24 15.07 -44.87
N ASP A 651 1.22 13.84 -45.38
CA ASP A 651 1.49 12.64 -44.60
C ASP A 651 0.44 12.39 -43.52
N LEU A 652 -0.77 12.03 -43.93
CA LEU A 652 -1.82 11.56 -43.02
C LEU A 652 -2.11 12.55 -41.90
N GLN A 653 -2.32 13.81 -42.27
CA GLN A 653 -2.75 14.80 -41.28
C GLN A 653 -4.16 14.49 -40.79
N GLN A 654 -5.02 14.01 -41.69
CA GLN A 654 -6.34 13.46 -41.34
C GLN A 654 -7.20 14.48 -40.60
N SER A 655 -7.28 15.69 -41.15
CA SER A 655 -8.25 16.68 -40.69
C SER A 655 -9.52 16.48 -41.50
N PRO A 656 -10.56 15.87 -40.91
CA PRO A 656 -11.73 15.49 -41.71
C PRO A 656 -12.59 16.67 -42.16
N VAL A 657 -12.53 17.80 -41.46
CA VAL A 657 -13.36 18.97 -41.73
C VAL A 657 -14.84 18.54 -41.73
N GLN A 658 -15.22 17.79 -40.70
CA GLN A 658 -16.60 17.37 -40.50
C GLN A 658 -17.17 18.21 -39.36
N LEU A 659 -18.00 19.19 -39.71
CA LEU A 659 -18.56 20.12 -38.73
C LEU A 659 -20.06 19.91 -38.64
N GLN A 660 -20.53 19.58 -37.43
CA GLN A 660 -21.95 19.43 -37.17
C GLN A 660 -22.16 19.49 -35.65
N CYS A 661 -23.42 19.45 -35.24
CA CYS A 661 -23.83 19.33 -33.84
C CYS A 661 -25.33 19.10 -33.77
N PRO A 662 -25.78 18.09 -33.05
CA PRO A 662 -27.23 17.82 -33.00
C PRO A 662 -27.87 18.25 -31.69
N LEU A 663 -29.19 18.32 -31.68
CA LEU A 663 -29.91 18.57 -30.43
C LEU A 663 -29.92 17.31 -29.58
N GLN A 664 -29.79 17.50 -28.27
CA GLN A 664 -29.67 16.38 -27.37
C GLN A 664 -31.05 15.81 -27.03
N ALA A 665 -31.05 14.53 -26.65
CA ALA A 665 -32.24 13.81 -26.23
C ALA A 665 -32.19 13.54 -24.73
N PRO A 666 -33.33 13.54 -24.04
CA PRO A 666 -33.31 13.37 -22.58
C PRO A 666 -33.05 11.93 -22.19
N ARG A 667 -32.01 11.72 -21.37
CA ARG A 667 -31.64 10.40 -20.91
C ARG A 667 -31.17 10.46 -19.47
N GLY A 668 -31.18 9.30 -18.81
CA GLY A 668 -30.68 9.21 -17.44
C GLY A 668 -31.47 10.04 -16.45
N LEU A 669 -32.80 10.08 -16.60
CA LEU A 669 -33.63 10.87 -15.71
C LEU A 669 -33.76 10.17 -14.36
N GLN A 670 -33.42 10.88 -13.28
CA GLN A 670 -33.47 10.31 -11.94
C GLN A 670 -33.89 11.36 -10.95
N VAL A 671 -34.82 10.99 -10.06
CA VAL A 671 -35.32 11.89 -9.01
C VAL A 671 -34.91 11.33 -7.66
N SER A 672 -34.48 12.21 -6.76
CA SER A 672 -34.01 11.81 -5.45
C SER A 672 -34.39 12.86 -4.41
N ILE A 673 -34.18 12.51 -3.15
CA ILE A 673 -34.46 13.39 -2.01
C ILE A 673 -33.13 13.85 -1.43
N ARG A 674 -33.08 15.12 -1.05
CA ARG A 674 -31.84 15.73 -0.59
C ARG A 674 -31.41 15.13 0.75
N GLY A 675 -30.23 14.51 0.77
CA GLY A 675 -29.66 14.00 2.00
C GLY A 675 -30.05 12.57 2.35
N GLU A 676 -30.08 12.26 3.64
CA GLU A 676 -30.43 10.93 4.11
C GLU A 676 -31.71 10.94 4.94
N ALA A 677 -32.81 11.39 4.35
CA ALA A 677 -34.12 11.35 5.01
C ALA A 677 -34.77 9.99 4.76
N VAL A 678 -34.18 8.98 5.40
CA VAL A 678 -34.66 7.60 5.24
C VAL A 678 -36.09 7.47 5.71
N ALA A 679 -36.42 8.11 6.83
CA ALA A 679 -37.80 8.19 7.32
C ALA A 679 -38.30 9.62 7.19
N VAL A 680 -39.57 9.76 6.81
CA VAL A 680 -40.19 11.05 6.59
C VAL A 680 -41.43 11.17 7.47
N ARG A 681 -41.66 12.36 8.01
CA ARG A 681 -42.83 12.64 8.82
C ARG A 681 -43.79 13.57 8.08
N PRO A 682 -45.09 13.44 8.30
CA PRO A 682 -46.04 14.32 7.59
C PRO A 682 -45.87 15.76 8.01
N ARG A 683 -46.18 16.67 7.08
CA ARG A 683 -46.03 18.11 7.28
C ARG A 683 -44.59 18.47 7.61
N GLU A 684 -43.69 18.04 6.71
CA GLU A 684 -42.26 18.27 6.86
C GLU A 684 -41.70 18.80 5.55
N ASP A 685 -40.69 19.67 5.66
CA ASP A 685 -40.02 20.22 4.49
C ASP A 685 -39.27 19.12 3.74
N VAL A 686 -39.97 18.44 2.83
CA VAL A 686 -39.35 17.40 2.00
C VAL A 686 -38.82 18.04 0.72
N LEU A 687 -37.57 17.75 0.38
CA LEU A 687 -36.89 18.38 -0.74
C LEU A 687 -36.68 17.38 -1.86
N PHE A 688 -37.08 17.75 -3.07
CA PHE A 688 -36.93 16.89 -4.24
C PHE A 688 -35.97 17.51 -5.25
N VAL A 689 -35.15 16.66 -5.87
CA VAL A 689 -34.20 17.08 -6.89
C VAL A 689 -34.26 16.10 -8.06
N VAL A 690 -34.25 16.64 -9.29
CA VAL A 690 -34.28 15.83 -10.50
C VAL A 690 -33.01 16.10 -11.29
N ARG A 691 -32.46 15.04 -11.90
CA ARG A 691 -31.22 15.14 -12.66
C ARG A 691 -31.34 14.36 -13.96
N GLN A 692 -30.59 14.81 -14.96
CA GLN A 692 -30.44 14.14 -16.25
C GLN A 692 -28.99 13.71 -16.43
N GLU A 693 -28.67 13.23 -17.63
CA GLU A 693 -27.29 12.88 -17.99
C GLU A 693 -26.90 13.27 -19.40
N GLN A 694 -27.84 13.50 -20.32
CA GLN A 694 -27.52 13.85 -21.70
C GLN A 694 -27.83 15.33 -21.91
N GLY A 695 -26.91 16.18 -21.45
CA GLY A 695 -26.96 17.63 -21.64
C GLY A 695 -28.24 18.28 -21.11
N ASP A 696 -28.36 19.57 -21.43
CA ASP A 696 -29.55 20.34 -21.13
C ASP A 696 -29.95 21.11 -22.38
N VAL A 697 -31.02 20.66 -23.03
CA VAL A 697 -31.59 21.42 -24.14
C VAL A 697 -32.43 22.54 -23.56
N LEU A 698 -32.25 23.75 -24.10
CA LEU A 698 -32.83 24.95 -23.51
C LEU A 698 -34.35 24.99 -23.61
N THR A 699 -35.00 23.94 -24.14
CA THR A 699 -36.45 23.79 -24.13
C THR A 699 -36.73 22.34 -23.72
N THR A 700 -36.74 22.10 -22.41
CA THR A 700 -36.98 20.78 -21.85
C THR A 700 -38.13 20.86 -20.87
N LYS A 701 -39.15 20.05 -21.08
CA LYS A 701 -40.32 20.03 -20.21
C LYS A 701 -40.15 18.95 -19.14
N TYR A 702 -40.50 19.30 -17.90
CA TYR A 702 -40.39 18.39 -16.75
C TYR A 702 -41.75 18.32 -16.06
N GLN A 703 -42.52 17.29 -16.37
CA GLN A 703 -43.79 17.06 -15.71
C GLN A 703 -43.54 16.33 -14.38
N VAL A 704 -44.30 16.70 -13.35
CA VAL A 704 -44.07 16.21 -11.99
C VAL A 704 -45.40 15.90 -11.33
N ASP A 705 -45.53 14.67 -10.83
CA ASP A 705 -46.63 14.27 -9.96
C ASP A 705 -46.01 13.75 -8.66
N LEU A 706 -46.43 14.33 -7.54
CA LEU A 706 -45.86 14.01 -6.24
C LEU A 706 -46.71 13.02 -5.44
N GLY A 707 -47.49 12.18 -6.13
CA GLY A 707 -48.22 11.11 -5.49
C GLY A 707 -49.45 11.52 -4.70
N ASP A 708 -49.66 12.81 -4.45
CA ASP A 708 -50.81 13.27 -3.68
C ASP A 708 -51.71 14.18 -4.50
N GLY A 709 -51.70 13.99 -5.83
CA GLY A 709 -52.48 14.83 -6.71
C GLY A 709 -51.85 16.16 -7.06
N PHE A 710 -50.63 16.42 -6.61
CA PHE A 710 -49.94 17.67 -6.90
C PHE A 710 -49.36 17.58 -8.32
N LYS A 711 -50.04 18.20 -9.27
CA LYS A 711 -49.60 18.25 -10.66
C LYS A 711 -48.83 19.54 -10.89
N ALA A 712 -47.62 19.43 -11.44
CA ALA A 712 -46.86 20.64 -11.72
C ALA A 712 -45.84 20.37 -12.82
N MET A 713 -45.79 21.27 -13.81
CA MET A 713 -44.83 21.16 -14.89
C MET A 713 -43.83 22.32 -14.81
N TYR A 714 -42.55 22.01 -14.97
CA TYR A 714 -41.47 22.97 -14.87
C TYR A 714 -40.62 22.91 -16.15
N VAL A 715 -39.63 23.79 -16.23
CA VAL A 715 -38.70 23.84 -17.34
C VAL A 715 -37.30 24.08 -16.79
N ASN A 716 -36.33 23.31 -17.30
CA ASN A 716 -34.92 23.44 -16.91
C ASN A 716 -34.75 23.27 -15.40
N LEU A 717 -35.17 22.11 -14.90
CA LEU A 717 -34.98 21.79 -13.49
C LEU A 717 -33.52 21.57 -13.16
N THR A 718 -32.79 20.89 -14.05
CA THR A 718 -31.36 20.70 -13.85
C THR A 718 -30.58 22.00 -13.92
N LEU A 719 -31.12 23.01 -14.62
CA LEU A 719 -30.48 24.32 -14.64
C LEU A 719 -30.48 24.97 -13.26
N THR A 720 -31.53 24.73 -12.47
CA THR A 720 -31.60 25.29 -11.12
C THR A 720 -30.64 24.57 -10.18
N GLY A 721 -30.72 23.24 -10.13
CA GLY A 721 -29.89 22.45 -9.25
C GLY A 721 -30.31 22.45 -7.79
N GLU A 722 -31.27 23.31 -7.40
CA GLU A 722 -31.80 23.44 -6.06
C GLU A 722 -33.13 22.70 -5.92
N PRO A 723 -33.41 22.12 -4.75
CA PRO A 723 -34.59 21.27 -4.61
C PRO A 723 -35.88 22.08 -4.61
N ILE A 724 -36.99 21.34 -4.58
CA ILE A 724 -38.31 21.93 -4.43
C ILE A 724 -38.94 21.33 -3.18
N ARG A 725 -39.65 22.17 -2.41
CA ARG A 725 -40.24 21.78 -1.15
C ARG A 725 -41.63 21.18 -1.35
N HIS A 726 -41.97 20.24 -0.48
CA HIS A 726 -43.31 19.68 -0.44
C HIS A 726 -43.56 19.09 0.94
N HIS A 727 -44.83 19.08 1.34
CA HIS A 727 -45.25 18.57 2.64
C HIS A 727 -46.40 17.61 2.44
N TYR A 728 -46.23 16.37 2.88
CA TYR A 728 -47.28 15.36 2.77
C TYR A 728 -48.20 15.43 3.98
N GLU A 729 -49.50 15.28 3.73
CA GLU A 729 -50.52 15.44 4.76
C GLU A 729 -50.86 14.12 5.46
N SER A 730 -51.07 13.05 4.68
CA SER A 730 -51.51 11.79 5.26
C SER A 730 -50.34 10.82 5.38
N PRO A 731 -50.16 10.16 6.52
CA PRO A 731 -49.14 9.11 6.63
C PRO A 731 -49.44 7.96 5.68
N GLY A 732 -48.44 7.57 4.90
CA GLY A 732 -48.64 6.49 3.95
C GLY A 732 -47.55 6.51 2.88
N ILE A 733 -47.87 5.84 1.77
CA ILE A 733 -46.94 5.63 0.68
C ILE A 733 -47.43 6.37 -0.55
N TYR A 734 -46.51 6.97 -1.31
CA TYR A 734 -46.82 7.71 -2.51
C TYR A 734 -45.79 7.38 -3.58
N ARG A 735 -46.17 7.61 -4.84
CA ARG A 735 -45.29 7.40 -5.99
C ARG A 735 -45.09 8.72 -6.71
N VAL A 736 -43.83 9.16 -6.82
CA VAL A 736 -43.46 10.38 -7.51
C VAL A 736 -43.05 10.01 -8.93
N SER A 737 -43.62 10.71 -9.91
CA SER A 737 -43.34 10.48 -11.32
C SER A 737 -42.85 11.77 -11.97
N VAL A 738 -41.74 11.66 -12.70
CA VAL A 738 -41.16 12.79 -13.42
C VAL A 738 -41.01 12.41 -14.88
N ARG A 739 -41.35 13.33 -15.77
CA ARG A 739 -41.29 13.11 -17.21
C ARG A 739 -40.45 14.22 -17.84
N ALA A 740 -39.36 13.84 -18.51
CA ALA A 740 -38.52 14.78 -19.24
C ALA A 740 -38.81 14.62 -20.73
N GLU A 741 -39.16 15.73 -21.38
CA GLU A 741 -39.62 15.67 -22.77
C GLU A 741 -39.04 16.81 -23.58
N ASN A 742 -38.60 16.48 -24.79
CA ASN A 742 -38.17 17.45 -25.79
C ASN A 742 -38.88 17.10 -27.09
N MET A 743 -38.37 17.61 -28.21
CA MET A 743 -38.79 17.18 -29.52
C MET A 743 -37.97 16.00 -30.04
N ALA A 744 -37.03 15.51 -29.22
CA ALA A 744 -36.18 14.39 -29.58
C ALA A 744 -36.68 13.07 -29.00
N GLY A 745 -36.98 13.05 -27.71
CA GLY A 745 -37.43 11.85 -27.06
C GLY A 745 -38.22 12.12 -25.81
N HIS A 746 -38.27 11.11 -24.93
CA HIS A 746 -39.04 11.20 -23.71
C HIS A 746 -38.49 10.19 -22.71
N ASP A 747 -38.36 10.61 -21.45
CA ASP A 747 -37.86 9.74 -20.40
C ASP A 747 -38.70 9.93 -19.15
N GLU A 748 -38.73 8.90 -18.31
CA GLU A 748 -39.53 8.90 -17.09
C GLU A 748 -38.69 8.39 -15.92
N ALA A 749 -38.88 9.02 -14.76
CA ALA A 749 -38.23 8.61 -13.51
C ALA A 749 -39.31 8.40 -12.44
N VAL A 750 -39.14 7.34 -11.66
CA VAL A 750 -40.11 6.95 -10.64
C VAL A 750 -39.40 6.89 -9.30
N LEU A 751 -40.10 7.29 -8.24
CA LEU A 751 -39.55 7.21 -6.88
C LEU A 751 -40.67 6.95 -5.90
N PHE A 752 -40.63 5.80 -5.22
CA PHE A 752 -41.60 5.49 -4.18
C PHE A 752 -41.12 6.05 -2.85
N VAL A 753 -42.01 6.71 -2.12
CA VAL A 753 -41.68 7.28 -0.83
C VAL A 753 -42.75 6.86 0.18
N GLN A 754 -42.34 6.78 1.45
CA GLN A 754 -43.25 6.44 2.53
C GLN A 754 -42.96 7.37 3.71
N VAL A 755 -44.02 7.69 4.46
CA VAL A 755 -43.94 8.75 5.47
C VAL A 755 -44.58 8.33 6.79
N ASN A 756 -43.80 7.68 7.68
CA ASN A 756 -44.25 7.30 9.02
C ASN A 756 -43.03 7.31 9.96
N SER A 757 -42.63 8.52 10.35
CA SER A 757 -41.42 8.80 11.14
C SER A 757 -41.50 8.29 12.59
N PRO A 758 -42.56 8.62 13.37
CA PRO A 758 -42.55 8.28 14.81
C PRO A 758 -43.29 7.00 15.14
N LEU A 759 -42.65 6.14 15.93
CA LEU A 759 -43.27 4.96 16.50
C LEU A 759 -43.21 5.05 18.01
N GLN A 760 -44.35 4.84 18.67
CA GLN A 760 -44.44 5.04 20.12
C GLN A 760 -44.18 3.73 20.86
N ALA A 761 -45.13 2.80 20.81
CA ALA A 761 -45.01 1.57 21.56
C ALA A 761 -45.62 0.43 20.76
N LEU A 762 -45.26 -0.79 21.14
CA LEU A 762 -45.86 -2.00 20.58
C LEU A 762 -46.15 -2.98 21.71
N TYR A 763 -46.95 -4.00 21.39
CA TYR A 763 -47.24 -5.05 22.36
C TYR A 763 -47.62 -6.32 21.61
N LEU A 764 -47.08 -7.45 22.06
CA LEU A 764 -47.40 -8.74 21.47
C LEU A 764 -48.53 -9.40 22.25
N GLU A 765 -49.67 -9.61 21.59
CA GLU A 765 -50.83 -10.22 22.22
C GLU A 765 -50.89 -11.70 21.82
N VAL A 766 -50.87 -12.56 22.82
CA VAL A 766 -50.87 -14.01 22.65
C VAL A 766 -51.33 -14.65 23.95
N VAL A 767 -52.16 -15.67 23.84
CA VAL A 767 -52.67 -16.38 25.03
C VAL A 767 -51.49 -17.07 25.73
N PRO A 768 -51.45 -17.09 27.06
CA PRO A 768 -50.31 -17.72 27.75
C PRO A 768 -50.25 -19.23 27.60
N VAL A 769 -51.33 -19.89 27.19
CA VAL A 769 -51.37 -21.35 27.18
C VAL A 769 -52.28 -21.83 26.06
N ILE A 770 -51.85 -22.88 25.37
CA ILE A 770 -52.69 -23.61 24.42
C ILE A 770 -52.04 -24.96 24.17
N GLY A 771 -52.83 -25.92 23.70
CA GLY A 771 -52.34 -27.26 23.48
C GLY A 771 -51.51 -27.37 22.21
N VAL A 772 -50.97 -28.58 22.01
CA VAL A 772 -50.17 -28.83 20.81
C VAL A 772 -51.07 -28.91 19.58
N ASN A 773 -50.47 -28.64 18.41
CA ASN A 773 -51.15 -28.74 17.13
C ASN A 773 -52.37 -27.83 17.03
N GLN A 774 -52.37 -26.74 17.81
CA GLN A 774 -53.45 -25.76 17.81
C GLN A 774 -52.99 -24.49 17.13
N GLU A 775 -53.87 -23.90 16.32
CA GLU A 775 -53.51 -22.67 15.62
C GLU A 775 -53.57 -21.49 16.58
N VAL A 776 -52.46 -20.75 16.62
CA VAL A 776 -52.30 -19.57 17.46
C VAL A 776 -52.47 -18.34 16.58
N ASN A 777 -53.30 -17.41 17.05
CA ASN A 777 -53.69 -16.20 16.32
C ASN A 777 -52.91 -15.01 16.90
N LEU A 778 -51.60 -15.04 16.70
CA LEU A 778 -50.71 -14.04 17.29
C LEU A 778 -51.04 -12.66 16.75
N THR A 779 -51.07 -11.66 17.64
CA THR A 779 -51.36 -10.29 17.25
C THR A 779 -50.22 -9.37 17.66
N ALA A 780 -49.89 -8.42 16.80
CA ALA A 780 -48.86 -7.42 17.08
C ALA A 780 -49.53 -6.06 17.11
N VAL A 781 -49.94 -5.62 18.30
CA VAL A 781 -50.56 -4.31 18.45
C VAL A 781 -49.49 -3.23 18.32
N LEU A 782 -49.75 -2.24 17.48
CA LEU A 782 -48.80 -1.16 17.22
C LEU A 782 -49.54 0.15 17.10
N LEU A 783 -48.85 1.24 17.45
CA LEU A 783 -49.34 2.62 17.39
C LEU A 783 -50.52 2.89 16.43
N ASN A 786 -51.65 2.43 13.17
CA ASN A 786 -50.90 2.62 11.94
C ASN A 786 -51.61 1.99 10.75
N PRO A 787 -51.45 2.59 9.55
CA PRO A 787 -52.15 2.07 8.37
C PRO A 787 -51.58 0.76 7.87
N ASN A 788 -51.90 0.41 6.62
CA ASN A 788 -51.39 -0.82 6.03
C ASN A 788 -49.88 -0.77 5.81
N LEU A 789 -49.25 0.39 5.96
CA LEU A 789 -47.80 0.53 5.90
C LEU A 789 -47.24 0.16 7.26
N THR A 790 -46.91 -1.13 7.42
CA THR A 790 -46.36 -1.63 8.68
C THR A 790 -45.37 -2.75 8.36
N VAL A 791 -44.19 -2.69 8.97
CA VAL A 791 -43.15 -3.70 8.78
C VAL A 791 -43.07 -4.54 10.04
N PHE A 792 -43.25 -5.86 9.90
CA PHE A 792 -43.28 -6.76 11.04
C PHE A 792 -42.36 -7.94 10.82
N TYR A 793 -41.36 -8.08 11.67
CA TYR A 793 -40.50 -9.25 11.74
C TYR A 793 -41.01 -10.17 12.84
N TRP A 794 -41.20 -11.45 12.51
CA TRP A 794 -41.76 -12.42 13.44
C TRP A 794 -40.74 -13.52 13.71
N TRP A 795 -40.32 -13.63 14.97
CA TRP A 795 -39.42 -14.69 15.43
C TRP A 795 -40.28 -15.68 16.21
N ILE A 796 -40.71 -16.74 15.53
CA ILE A 796 -41.70 -17.64 16.10
C ILE A 796 -41.06 -18.58 17.12
N GLY A 797 -39.88 -19.11 16.80
CA GLY A 797 -39.21 -20.09 17.66
C GLY A 797 -37.72 -20.00 17.59
N HIS A 798 -37.07 -21.16 17.58
CA HIS A 798 -35.61 -21.21 17.63
C HIS A 798 -34.98 -20.69 16.35
N SER A 799 -35.61 -20.94 15.20
CA SER A 799 -35.02 -20.56 13.92
C SER A 799 -34.83 -19.05 13.83
N LEU A 800 -33.67 -18.64 13.32
CA LEU A 800 -33.35 -17.22 13.25
C LEU A 800 -34.22 -16.51 12.22
N GLN A 801 -34.37 -17.11 11.04
CA GLN A 801 -35.06 -16.49 9.91
C GLN A 801 -36.45 -15.99 10.30
N PRO A 802 -36.65 -14.67 10.33
CA PRO A 802 -37.95 -14.13 10.72
C PRO A 802 -38.92 -14.05 9.56
N LEU A 803 -40.21 -14.15 9.91
CA LEU A 803 -41.27 -13.98 8.92
C LEU A 803 -41.58 -12.51 8.72
N LEU A 804 -41.86 -12.13 7.48
CA LEU A 804 -42.19 -10.76 7.13
C LEU A 804 -43.70 -10.60 7.04
N SER A 805 -44.22 -9.50 7.58
CA SER A 805 -45.65 -9.29 7.56
C SER A 805 -45.97 -7.80 7.52
N LEU A 806 -46.99 -7.46 6.72
CA LEU A 806 -47.60 -6.14 6.77
C LEU A 806 -48.83 -6.09 7.66
N ASP A 807 -49.37 -7.25 8.05
CA ASP A 807 -50.56 -7.35 8.86
C ASP A 807 -50.20 -7.56 10.33
N ASN A 808 -51.15 -7.16 11.20
CA ASN A 808 -50.91 -7.27 12.63
C ASN A 808 -50.79 -8.72 13.08
N SER A 809 -51.62 -9.61 12.52
CA SER A 809 -51.78 -10.95 13.05
C SER A 809 -51.14 -11.99 12.13
N VAL A 810 -50.70 -13.08 12.75
CA VAL A 810 -50.25 -14.28 12.05
C VAL A 810 -50.89 -15.48 12.72
N THR A 811 -50.88 -16.61 12.01
CA THR A 811 -51.49 -17.85 12.50
C THR A 811 -50.48 -18.97 12.33
N THR A 812 -50.10 -19.60 13.45
CA THR A 812 -49.07 -20.64 13.39
C THR A 812 -49.48 -21.82 14.26
N LYS A 813 -48.63 -22.84 14.30
CA LYS A 813 -48.88 -24.03 15.11
C LYS A 813 -47.61 -24.41 15.87
N PHE A 814 -47.75 -25.38 16.78
CA PHE A 814 -46.64 -25.92 17.54
C PHE A 814 -46.76 -27.43 17.60
N THR A 815 -45.82 -28.14 16.98
CA THR A 815 -45.82 -29.59 17.05
C THR A 815 -45.25 -30.10 18.38
N ASP A 816 -44.33 -29.35 18.96
CA ASP A 816 -43.72 -29.69 20.24
C ASP A 816 -44.37 -28.92 21.38
N ALA A 817 -44.15 -29.42 22.60
CA ALA A 817 -44.70 -28.83 23.81
C ALA A 817 -43.60 -28.11 24.58
N GLY A 818 -43.98 -27.56 25.73
CA GLY A 818 -43.02 -26.88 26.58
C GLY A 818 -43.18 -25.38 26.64
N ASP A 819 -42.08 -24.63 26.55
CA ASP A 819 -42.11 -23.18 26.56
C ASP A 819 -41.57 -22.66 25.23
N VAL A 820 -42.30 -21.74 24.61
CA VAL A 820 -41.94 -21.17 23.32
C VAL A 820 -41.73 -19.67 23.48
N ARG A 821 -40.61 -19.17 22.97
CA ARG A 821 -40.35 -17.74 22.89
C ARG A 821 -40.92 -17.21 21.58
N VAL A 822 -41.81 -16.23 21.67
CA VAL A 822 -42.42 -15.58 20.51
C VAL A 822 -42.03 -14.12 20.56
N THR A 823 -41.35 -13.64 19.54
CA THR A 823 -40.86 -12.27 19.49
C THR A 823 -41.38 -11.58 18.24
N VAL A 824 -41.73 -10.30 18.38
CA VAL A 824 -42.17 -9.50 17.24
C VAL A 824 -41.43 -8.18 17.26
N GLN A 825 -40.96 -7.75 16.08
CA GLN A 825 -40.23 -6.51 15.92
C GLN A 825 -40.91 -5.67 14.86
N ALA A 826 -41.01 -4.37 15.13
CA ALA A 826 -41.67 -3.41 14.24
C ALA A 826 -40.72 -2.29 13.91
N ALA A 827 -40.56 -2.02 12.61
CA ALA A 827 -39.69 -0.95 12.12
C ALA A 827 -40.34 -0.31 10.88
N CYS A 828 -41.46 0.39 11.11
CA CYS A 828 -42.16 1.06 10.01
C CYS A 828 -41.32 2.21 9.46
N GLY A 829 -40.89 3.12 10.32
CA GLY A 829 -40.02 4.20 9.91
C GLY A 829 -38.56 3.92 10.18
N ASN A 830 -37.88 4.85 10.86
CA ASN A 830 -36.49 4.67 11.25
C ASN A 830 -36.35 4.36 12.73
N SER A 831 -37.35 3.71 13.33
CA SER A 831 -37.32 3.31 14.72
C SER A 831 -37.61 1.82 14.83
N VAL A 832 -37.02 1.19 15.83
CA VAL A 832 -37.15 -0.25 16.05
C VAL A 832 -37.80 -0.48 17.39
N LEU A 833 -38.91 -1.20 17.39
CA LEU A 833 -39.58 -1.66 18.61
C LEU A 833 -39.59 -3.18 18.60
N GLN A 834 -39.58 -3.77 19.80
CA GLN A 834 -39.56 -5.23 19.89
C GLN A 834 -40.21 -5.67 21.19
N ASP A 835 -41.02 -6.71 21.11
CA ASP A 835 -41.66 -7.29 22.29
C ASP A 835 -41.63 -8.81 22.20
N SER A 836 -41.33 -9.46 23.32
CA SER A 836 -41.24 -10.90 23.40
C SER A 836 -42.26 -11.43 24.41
N ARG A 837 -42.53 -12.73 24.32
CA ARG A 837 -43.49 -13.37 25.21
C ARG A 837 -43.25 -14.87 25.19
N LEU A 838 -43.19 -15.48 26.37
CA LEU A 838 -43.01 -16.92 26.48
C LEU A 838 -44.35 -17.57 26.82
N VAL A 839 -44.72 -18.59 26.05
CA VAL A 839 -46.01 -19.25 26.22
C VAL A 839 -45.80 -20.74 26.46
N ARG A 840 -46.78 -21.34 27.13
CA ARG A 840 -46.75 -22.75 27.49
C ARG A 840 -47.62 -23.55 26.53
N VAL A 841 -47.06 -24.64 26.00
CA VAL A 841 -47.77 -25.58 25.14
C VAL A 841 -47.88 -26.88 25.92
N LEU A 842 -49.11 -27.27 26.23
CA LEU A 842 -49.40 -28.40 27.11
C LEU A 842 -49.99 -29.57 26.32
N ASP A 843 -50.56 -30.53 27.04
CA ASP A 843 -51.14 -31.73 26.44
C ASP A 843 -52.15 -32.36 27.39
N GLN A 844 -51.93 -32.20 28.69
CA GLN A 844 -52.77 -32.79 29.73
C GLN A 844 -53.49 -31.67 30.47
N PHE A 845 -54.68 -31.30 29.97
CA PHE A 845 -55.44 -30.22 30.59
C PHE A 845 -56.90 -30.33 30.16
N GLN A 846 -57.76 -29.67 30.94
CA GLN A 846 -59.18 -29.57 30.65
C GLN A 846 -59.58 -28.10 30.62
N VAL A 847 -60.39 -27.73 29.62
CA VAL A 847 -60.77 -26.35 29.38
C VAL A 847 -62.20 -26.13 29.87
N VAL A 848 -62.41 -25.04 30.59
CA VAL A 848 -63.71 -24.69 31.14
C VAL A 848 -64.06 -23.27 30.68
N PRO A 849 -65.21 -23.06 30.05
CA PRO A 849 -65.64 -21.69 29.73
C PRO A 849 -66.14 -20.97 30.96
N LEU A 850 -66.07 -19.64 30.92
CA LEU A 850 -66.34 -18.82 32.09
C LEU A 850 -67.09 -17.54 31.70
N ARG A 851 -68.30 -17.40 32.22
CA ARG A 851 -69.09 -16.19 32.14
C ARG A 851 -68.72 -15.21 33.25
N PHE A 852 -68.55 -13.95 32.88
CA PHE A 852 -68.43 -12.84 33.80
C PHE A 852 -69.71 -12.02 33.81
N SER A 853 -69.87 -11.20 34.84
CA SER A 853 -71.02 -10.32 34.93
C SER A 853 -70.93 -9.21 33.90
N ARG A 854 -72.09 -8.76 33.41
CA ARG A 854 -72.14 -7.79 32.34
C ARG A 854 -71.62 -6.42 32.79
N GLU A 855 -71.87 -6.06 34.05
CA GLU A 855 -71.50 -4.73 34.52
C GLU A 855 -70.00 -4.48 34.37
N LEU A 856 -69.19 -5.53 34.56
CA LEU A 856 -67.75 -5.39 34.41
C LEU A 856 -67.35 -4.83 33.06
N ASP A 857 -68.14 -5.13 32.02
CA ASP A 857 -67.84 -4.64 30.67
C ASP A 857 -67.76 -3.12 30.65
N THR A 858 -68.63 -2.44 31.40
CA THR A 858 -68.63 -0.98 31.41
C THR A 858 -67.42 -0.38 32.11
N PHE A 859 -66.57 -1.21 32.73
CA PHE A 859 -65.34 -0.74 33.36
C PHE A 859 -64.15 -1.60 32.93
N ASN A 860 -64.16 -2.08 31.69
CA ASN A 860 -63.17 -3.04 31.20
C ASN A 860 -62.29 -2.43 30.13
N PRO A 861 -61.14 -1.87 30.48
CA PRO A 861 -60.13 -1.55 29.48
C PRO A 861 -59.39 -2.81 29.08
N ASN A 862 -58.97 -2.85 27.81
CA ASN A 862 -58.31 -4.04 27.28
C ASN A 862 -56.82 -4.08 27.60
N THR A 863 -56.35 -3.24 28.51
CA THR A 863 -54.96 -3.28 28.95
C THR A 863 -54.61 -4.68 29.43
N PRO A 864 -53.63 -5.34 28.82
CA PRO A 864 -53.34 -6.74 29.18
C PRO A 864 -52.97 -6.93 30.64
N GLU A 865 -52.47 -5.88 31.32
CA GLU A 865 -52.14 -6.02 32.72
C GLU A 865 -53.39 -6.05 33.59
N TRP A 866 -54.40 -5.24 33.23
CA TRP A 866 -55.69 -5.32 33.91
C TRP A 866 -56.29 -6.72 33.77
N ARG A 867 -56.27 -7.25 32.54
CA ARG A 867 -56.77 -8.60 32.30
C ARG A 867 -56.00 -9.64 33.09
N GLU A 868 -54.68 -9.46 33.17
CA GLU A 868 -53.84 -10.37 33.95
C GLU A 868 -54.25 -10.38 35.42
N ASP A 869 -54.42 -9.19 36.00
CA ASP A 869 -54.81 -9.11 37.41
C ASP A 869 -56.18 -9.73 37.64
N VAL A 870 -57.11 -9.53 36.70
CA VAL A 870 -58.44 -10.11 36.86
C VAL A 870 -58.36 -11.63 36.84
N GLY A 871 -57.61 -12.19 35.87
CA GLY A 871 -57.44 -13.63 35.83
C GLY A 871 -56.78 -14.18 37.08
N LEU A 872 -55.80 -13.44 37.61
CA LEU A 872 -55.14 -13.87 38.85
C LEU A 872 -56.11 -13.89 40.01
N VAL A 873 -56.98 -12.87 40.11
CA VAL A 873 -57.96 -12.84 41.19
C VAL A 873 -58.92 -14.03 41.06
N VAL A 874 -59.36 -14.32 39.84
CA VAL A 874 -60.25 -15.46 39.64
C VAL A 874 -59.58 -16.76 40.07
N THR A 875 -58.30 -16.92 39.70
CA THR A 875 -57.58 -18.14 40.07
C THR A 875 -57.43 -18.26 41.58
N ARG A 876 -57.10 -17.15 42.25
CA ARG A 876 -56.98 -17.17 43.71
C ARG A 876 -58.29 -17.59 44.36
N LEU A 877 -59.41 -17.04 43.89
CA LEU A 877 -60.70 -17.39 44.49
C LEU A 877 -61.06 -18.85 44.23
N LEU A 878 -60.77 -19.34 43.02
CA LEU A 878 -61.03 -20.75 42.73
C LEU A 878 -60.22 -21.65 43.65
N SER A 879 -58.93 -21.35 43.84
CA SER A 879 -58.11 -22.15 44.73
C SER A 879 -58.60 -22.09 46.17
N LYS A 880 -59.09 -20.92 46.59
CA LYS A 880 -59.56 -20.77 47.96
C LYS A 880 -60.91 -21.45 48.19
N GLU A 881 -61.69 -21.69 47.14
CA GLU A 881 -62.97 -22.36 47.30
C GLU A 881 -62.99 -23.80 46.79
N THR A 882 -61.85 -24.34 46.32
CA THR A 882 -61.78 -25.74 45.96
C THR A 882 -60.63 -26.50 46.59
N SER A 883 -59.71 -25.83 47.28
CA SER A 883 -58.56 -26.45 47.95
C SER A 883 -57.68 -27.24 46.98
N ILE A 884 -57.74 -26.92 45.69
CA ILE A 884 -56.92 -27.58 44.69
C ILE A 884 -55.68 -26.72 44.46
N PRO A 885 -54.61 -27.26 43.86
CA PRO A 885 -53.42 -26.44 43.63
C PRO A 885 -53.73 -25.21 42.79
N GLU A 886 -53.01 -24.12 43.09
CA GLU A 886 -53.28 -22.84 42.48
C GLU A 886 -52.50 -22.61 41.18
N GLU A 887 -51.28 -23.15 41.09
CA GLU A 887 -50.50 -22.98 39.86
C GLU A 887 -51.00 -23.84 38.72
N LEU A 888 -51.91 -24.79 38.98
CA LEU A 888 -52.49 -25.62 37.94
C LEU A 888 -53.80 -25.05 37.39
N LEU A 889 -54.09 -23.78 37.66
CA LEU A 889 -55.29 -23.11 37.17
C LEU A 889 -54.87 -21.83 36.46
N VAL A 890 -55.16 -21.74 35.17
CA VAL A 890 -54.79 -20.57 34.37
C VAL A 890 -56.06 -19.93 33.82
N THR A 891 -56.25 -18.65 34.09
CA THR A 891 -57.44 -17.91 33.67
C THR A 891 -57.03 -16.86 32.64
N VAL A 892 -57.63 -16.92 31.46
CA VAL A 892 -57.38 -15.94 30.40
C VAL A 892 -58.71 -15.32 30.00
N VAL A 893 -58.80 -14.00 30.08
CA VAL A 893 -60.08 -13.32 29.98
C VAL A 893 -60.27 -12.64 28.61
N LYS A 894 -59.44 -12.99 27.62
CA LYS A 894 -59.64 -12.63 26.21
C LYS A 894 -59.54 -11.12 25.95
N PRO A 895 -59.45 -10.70 24.70
CA PRO A 895 -59.46 -9.26 24.38
C PRO A 895 -60.81 -8.69 23.93
N GLY A 896 -61.84 -9.52 23.79
CA GLY A 896 -63.09 -9.04 23.25
C GLY A 896 -63.78 -8.01 24.14
N LEU A 897 -64.66 -7.23 23.51
CA LEU A 897 -65.43 -6.24 24.26
C LEU A 897 -66.33 -6.90 25.31
N PRO A 898 -67.08 -7.96 25.01
CA PRO A 898 -67.74 -8.70 26.09
C PRO A 898 -66.71 -9.53 26.85
N THR A 899 -66.70 -9.37 28.17
CA THR A 899 -65.71 -10.02 29.01
C THR A 899 -66.03 -11.51 29.14
N ILE A 900 -65.19 -12.35 28.55
CA ILE A 900 -65.36 -13.80 28.53
C ILE A 900 -64.04 -14.43 28.96
N ALA A 901 -64.10 -15.42 29.87
CA ALA A 901 -62.88 -16.04 30.36
C ALA A 901 -62.86 -17.52 30.00
N ASP A 902 -61.65 -18.06 29.95
CA ASP A 902 -61.42 -19.48 29.77
C ASP A 902 -60.41 -19.94 30.81
N LEU A 903 -60.70 -21.09 31.43
CA LEU A 903 -59.88 -21.65 32.48
C LEU A 903 -59.25 -22.94 32.01
N TYR A 904 -57.94 -23.04 32.17
CA TYR A 904 -57.19 -24.26 31.90
C TYR A 904 -56.86 -24.92 33.23
N VAL A 905 -57.28 -26.18 33.39
CA VAL A 905 -57.04 -26.96 34.59
C VAL A 905 -56.08 -28.08 34.24
N LEU A 906 -54.93 -28.10 34.91
CA LEU A 906 -53.87 -29.05 34.62
C LEU A 906 -53.95 -30.27 35.54
N LEU A 907 -53.13 -31.27 35.24
CA LEU A 907 -53.10 -32.51 36.00
C LEU A 907 -51.87 -32.62 36.90
N PRO A 908 -50.63 -32.39 36.40
CA PRO A 908 -49.50 -32.58 37.31
C PRO A 908 -49.48 -31.61 38.48
N LEU A 918 -60.06 -41.06 36.63
CA LEU A 918 -58.99 -40.49 37.46
C LEU A 918 -59.55 -39.43 38.40
N THR A 919 -58.66 -38.63 38.98
CA THR A 919 -59.04 -37.57 39.90
C THR A 919 -59.36 -36.26 39.21
N SER A 920 -59.00 -36.11 37.93
CA SER A 920 -59.27 -34.86 37.22
C SER A 920 -60.77 -34.65 37.02
N ASP A 921 -61.54 -35.73 36.91
CA ASP A 921 -63.00 -35.61 36.84
C ASP A 921 -63.55 -34.98 38.12
N LYS A 922 -63.02 -35.40 39.28
CA LYS A 922 -63.47 -34.82 40.53
C LYS A 922 -63.01 -33.38 40.69
N ARG A 923 -61.85 -33.02 40.15
CA ARG A 923 -61.43 -31.63 40.16
C ARG A 923 -62.36 -30.77 39.29
N LEU A 924 -62.70 -31.27 38.10
CA LEU A 924 -63.68 -30.60 37.25
C LEU A 924 -65.00 -30.40 37.99
N ALA A 925 -65.49 -31.46 38.63
CA ALA A 925 -66.74 -31.36 39.39
C ALA A 925 -66.62 -30.37 40.54
N ALA A 926 -65.45 -30.31 41.17
CA ALA A 926 -65.25 -29.38 42.28
C ALA A 926 -65.31 -27.94 41.80
N VAL A 927 -64.67 -27.63 40.68
CA VAL A 927 -64.76 -26.28 40.13
C VAL A 927 -66.20 -25.97 39.72
N GLN A 928 -66.88 -26.94 39.11
CA GLN A 928 -68.27 -26.72 38.71
C GLN A 928 -69.16 -26.41 39.91
N GLN A 929 -68.99 -27.16 41.00
CA GLN A 929 -69.73 -26.89 42.22
C GLN A 929 -69.34 -25.54 42.81
N ALA A 930 -68.06 -25.17 42.70
CA ALA A 930 -67.62 -23.89 43.23
C ALA A 930 -68.26 -22.73 42.50
N LEU A 931 -68.53 -22.90 41.20
CA LEU A 931 -69.11 -21.81 40.41
C LEU A 931 -70.63 -21.79 40.48
N ASN A 932 -71.27 -22.95 40.35
CA ASN A 932 -72.73 -22.97 40.24
C ASN A 932 -73.39 -22.95 41.62
N SER A 933 -73.21 -24.04 42.38
CA SER A 933 -73.89 -24.18 43.67
C SER A 933 -73.61 -22.98 44.57
N HIS A 934 -72.35 -22.57 44.63
CA HIS A 934 -71.98 -21.30 45.25
C HIS A 934 -71.57 -20.35 44.13
N ARG A 935 -72.11 -19.14 44.16
CA ARG A 935 -71.69 -18.14 43.20
C ARG A 935 -70.37 -17.54 43.65
N ILE A 936 -69.35 -17.64 42.80
CA ILE A 936 -68.04 -17.09 43.15
C ILE A 936 -68.04 -15.59 42.90
N SER A 937 -67.87 -14.84 43.98
CA SER A 937 -68.03 -13.39 44.00
C SER A 937 -66.68 -12.68 43.87
N PHE A 938 -66.77 -11.42 43.47
CA PHE A 938 -65.62 -10.64 43.05
C PHE A 938 -65.97 -9.20 43.40
N ILE A 939 -65.07 -8.49 44.07
CA ILE A 939 -65.31 -7.11 44.44
C ILE A 939 -64.58 -6.25 43.41
N LEU A 940 -65.31 -5.71 42.44
CA LEU A 940 -64.69 -4.95 41.36
C LEU A 940 -64.44 -3.51 41.78
N ARG A 941 -65.52 -2.74 41.91
CA ARG A 941 -65.45 -1.38 42.41
C ARG A 941 -66.20 -1.29 43.72
N GLY A 942 -65.94 -0.23 44.48
CA GLY A 942 -66.65 0.02 45.72
C GLY A 942 -68.14 0.09 45.49
N GLY A 943 -68.87 -0.85 46.06
CA GLY A 943 -70.29 -1.00 45.79
C GLY A 943 -70.62 -1.76 44.53
N LEU A 944 -69.62 -2.33 43.85
CA LEU A 944 -69.83 -3.09 42.62
C LEU A 944 -69.26 -4.50 42.80
N ARG A 945 -70.13 -5.49 42.75
CA ARG A 945 -69.75 -6.88 42.90
C ARG A 945 -70.04 -7.63 41.61
N ILE A 946 -69.00 -8.28 41.09
CA ILE A 946 -69.09 -9.12 39.90
C ILE A 946 -69.23 -10.56 40.36
N LEU A 947 -69.91 -11.38 39.56
CA LEU A 947 -70.04 -12.80 39.80
C LEU A 947 -69.52 -13.57 38.59
N VAL A 948 -68.93 -14.74 38.84
CA VAL A 948 -68.43 -15.56 37.75
C VAL A 948 -69.13 -16.92 37.79
N GLU A 949 -69.53 -17.40 36.62
CA GLU A 949 -70.16 -18.73 36.56
C GLU A 949 -69.81 -19.37 35.22
N LEU A 950 -70.58 -20.39 34.83
CA LEU A 950 -70.27 -21.17 33.64
C LEU A 950 -70.89 -20.53 32.40
N ARG A 951 -70.21 -20.71 31.26
CA ARG A 951 -70.63 -20.14 29.98
C ARG A 951 -71.13 -21.27 29.08
N ASP A 952 -72.44 -21.47 29.06
CA ASP A 952 -73.04 -22.50 28.22
C ASP A 952 -73.05 -22.06 26.76
N HIS B 8 47.36 -6.22 4.86
CA HIS B 8 48.27 -5.21 5.39
C HIS B 8 47.95 -4.81 6.81
N MET B 9 46.96 -3.94 6.95
CA MET B 9 46.56 -3.40 8.24
C MET B 9 45.05 -3.49 8.40
N GLY B 10 44.48 -2.61 9.23
CA GLY B 10 43.06 -2.71 9.55
C GLY B 10 42.81 -3.82 10.54
N GLU B 11 41.73 -4.57 10.36
CA GLU B 11 41.39 -5.68 11.25
C GLU B 11 41.39 -6.97 10.44
N PHE B 12 42.32 -7.87 10.78
CA PHE B 12 42.44 -9.16 10.13
C PHE B 12 41.52 -10.18 10.79
N SER B 13 41.08 -11.14 9.99
CA SER B 13 40.43 -12.33 10.52
C SER B 13 41.50 -13.38 10.78
N VAL B 14 41.37 -14.08 11.91
CA VAL B 14 42.39 -15.05 12.29
C VAL B 14 42.52 -16.16 11.23
N CYS B 15 41.45 -16.43 10.50
CA CYS B 15 41.47 -17.37 9.39
C CYS B 15 40.76 -16.77 8.19
N ASP B 16 41.24 -17.11 7.00
CA ASP B 16 40.66 -16.60 5.77
C ASP B 16 39.40 -17.38 5.44
N SER B 17 38.28 -16.67 5.32
CA SER B 17 36.99 -17.27 5.04
C SER B 17 36.52 -16.92 3.63
N VAL B 18 35.52 -17.67 3.16
CA VAL B 18 34.92 -17.50 1.84
C VAL B 18 33.42 -17.64 1.99
N SER B 19 32.69 -16.57 1.68
CA SER B 19 31.24 -16.55 1.81
C SER B 19 30.59 -16.52 0.44
N VAL B 20 29.41 -17.15 0.34
CA VAL B 20 28.69 -17.24 -0.92
C VAL B 20 27.26 -17.67 -0.63
N TRP B 21 26.31 -17.10 -1.37
CA TRP B 21 24.94 -17.54 -1.35
C TRP B 21 24.73 -18.59 -2.44
N VAL B 22 24.03 -19.67 -2.10
CA VAL B 22 23.81 -20.79 -3.00
C VAL B 22 22.30 -20.97 -3.14
N GLY B 23 21.77 -20.67 -4.34
CA GLY B 23 20.40 -20.98 -4.65
C GLY B 23 20.32 -22.23 -5.51
N ASP B 24 21.41 -22.50 -6.23
CA ASP B 24 21.53 -23.71 -7.05
C ASP B 24 22.02 -24.89 -6.19
N LYS B 25 21.22 -25.21 -5.17
CA LYS B 25 21.52 -26.28 -4.24
C LYS B 25 20.80 -27.55 -4.68
N THR B 26 21.55 -28.63 -4.87
CA THR B 26 21.00 -29.90 -5.32
C THR B 26 21.10 -30.99 -4.27
N THR B 27 22.28 -31.17 -3.69
CA THR B 27 22.53 -32.19 -2.68
C THR B 27 23.06 -31.55 -1.41
N ALA B 28 22.84 -32.24 -0.30
CA ALA B 28 23.33 -31.79 1.00
C ALA B 28 23.42 -33.00 1.93
N THR B 29 23.88 -32.76 3.15
CA THR B 29 23.95 -33.78 4.18
C THR B 29 23.04 -33.35 5.33
N ASP B 30 22.21 -34.27 5.79
CA ASP B 30 21.23 -33.96 6.83
C ASP B 30 21.89 -34.03 8.21
N ILE B 31 21.08 -33.88 9.25
CA ILE B 31 21.61 -33.87 10.61
C ILE B 31 22.07 -35.27 11.03
N LYS B 32 21.47 -36.31 10.45
CA LYS B 32 21.81 -37.69 10.80
C LYS B 32 23.00 -38.23 10.02
N GLY B 33 23.45 -37.53 8.98
CA GLY B 33 24.60 -37.96 8.20
C GLY B 33 24.28 -38.58 6.87
N LYS B 34 23.00 -38.63 6.48
CA LYS B 34 22.59 -39.23 5.21
C LYS B 34 22.58 -38.17 4.13
N GLU B 35 23.08 -38.53 2.94
CA GLU B 35 23.08 -37.61 1.82
C GLU B 35 21.66 -37.45 1.28
N VAL B 36 21.12 -36.24 1.40
CA VAL B 36 19.76 -35.93 0.97
C VAL B 36 19.82 -34.99 -0.22
N THR B 37 18.70 -34.90 -0.93
CA THR B 37 18.56 -34.05 -2.10
C THR B 37 17.71 -32.85 -1.73
N VAL B 38 18.26 -31.65 -1.94
CA VAL B 38 17.55 -30.40 -1.65
C VAL B 38 16.74 -30.02 -2.88
N LEU B 39 15.46 -29.74 -2.67
CA LEU B 39 14.61 -29.30 -3.76
C LEU B 39 15.03 -27.92 -4.24
N ALA B 40 14.86 -27.69 -5.55
CA ALA B 40 15.27 -26.43 -6.14
C ALA B 40 14.34 -25.29 -5.72
N GLU B 41 13.03 -25.54 -5.72
CA GLU B 41 12.06 -24.51 -5.38
C GLU B 41 10.99 -25.10 -4.46
N VAL B 42 10.42 -24.23 -3.62
CA VAL B 42 9.45 -24.62 -2.60
C VAL B 42 8.14 -23.88 -2.88
N ASN B 43 7.02 -24.56 -2.66
CA ASN B 43 5.69 -23.98 -2.85
C ASN B 43 4.99 -23.93 -1.50
N ILE B 44 4.74 -22.72 -1.01
CA ILE B 44 4.00 -22.52 0.24
C ILE B 44 2.98 -21.40 0.02
N ASN B 45 1.70 -21.71 0.23
CA ASN B 45 0.62 -20.76 0.04
C ASN B 45 0.62 -20.19 -1.38
N ASN B 46 0.85 -21.06 -2.36
CA ASN B 46 0.95 -20.72 -3.78
C ASN B 46 2.08 -19.74 -4.08
N SER B 47 2.97 -19.52 -3.12
CA SER B 47 4.17 -18.70 -3.33
C SER B 47 5.37 -19.61 -3.55
N VAL B 48 6.13 -19.34 -4.60
CA VAL B 48 7.26 -20.17 -4.99
C VAL B 48 8.54 -19.47 -4.57
N PHE B 49 9.30 -20.12 -3.68
CA PHE B 49 10.57 -19.62 -3.19
C PHE B 49 11.71 -20.44 -3.77
N ARG B 50 12.88 -19.81 -3.86
CA ARG B 50 14.12 -20.51 -4.23
C ARG B 50 14.91 -20.80 -2.96
N GLN B 51 15.40 -22.03 -2.85
CA GLN B 51 16.16 -22.44 -1.67
C GLN B 51 17.53 -21.77 -1.63
N TYR B 52 17.60 -20.58 -1.05
CA TYR B 52 18.87 -19.87 -0.89
C TYR B 52 19.47 -20.19 0.48
N PHE B 53 20.75 -20.55 0.48
CA PHE B 53 21.48 -20.83 1.70
C PHE B 53 22.76 -20.02 1.73
N PHE B 54 23.05 -19.39 2.87
CA PHE B 54 24.26 -18.61 3.03
C PHE B 54 25.37 -19.51 3.58
N GLU B 55 26.31 -19.88 2.73
CA GLU B 55 27.42 -20.73 3.12
C GLU B 55 28.68 -19.90 3.31
N THR B 56 29.48 -20.27 4.31
CA THR B 56 30.74 -19.57 4.58
C THR B 56 31.74 -20.59 5.10
N LYS B 57 32.75 -20.88 4.29
CA LYS B 57 33.76 -21.89 4.59
C LYS B 57 35.11 -21.22 4.75
N CYS B 58 36.17 -22.02 4.78
CA CYS B 58 37.53 -21.52 4.87
C CYS B 58 38.13 -21.37 3.48
N ARG B 59 39.03 -20.40 3.34
CA ARG B 59 39.76 -20.25 2.09
C ARG B 59 40.94 -21.23 2.04
N ALA B 60 41.59 -21.46 3.17
CA ALA B 60 42.72 -22.37 3.23
C ALA B 60 42.96 -22.75 4.69
N SER B 61 43.48 -23.97 4.88
CA SER B 61 43.85 -24.43 6.22
C SER B 61 45.19 -23.87 6.66
N ASN B 62 46.00 -23.36 5.73
CA ASN B 62 47.30 -22.76 6.04
C ASN B 62 47.35 -21.37 5.42
N PRO B 63 46.73 -20.38 6.05
CA PRO B 63 46.91 -18.99 5.59
C PRO B 63 48.36 -18.56 5.58
N VAL B 64 49.17 -19.04 6.52
CA VAL B 64 50.62 -18.79 6.53
C VAL B 64 51.33 -20.13 6.58
N GLU B 65 52.64 -20.10 6.85
CA GLU B 65 53.40 -21.34 6.91
C GLU B 65 53.07 -22.13 8.17
N SER B 66 52.81 -21.43 9.28
CA SER B 66 52.56 -22.08 10.56
C SER B 66 51.07 -22.07 10.90
N GLY B 67 50.24 -22.60 9.99
CA GLY B 67 48.81 -22.69 10.23
C GLY B 67 48.10 -21.35 10.20
N CYS B 68 47.43 -20.99 11.29
CA CYS B 68 46.69 -19.75 11.35
C CYS B 68 47.65 -18.55 11.36
N ARG B 69 47.07 -17.38 11.10
CA ARG B 69 47.84 -16.14 11.03
C ARG B 69 47.81 -15.43 12.37
N GLY B 70 48.99 -15.07 12.88
CA GLY B 70 49.08 -14.31 14.12
C GLY B 70 49.15 -15.13 15.38
N ILE B 71 49.62 -16.37 15.31
CA ILE B 71 49.67 -17.25 16.46
C ILE B 71 51.07 -17.20 17.06
N ASP B 72 51.16 -17.35 18.37
CA ASP B 72 52.45 -17.54 19.01
C ASP B 72 53.01 -18.92 18.64
N SER B 73 53.70 -19.00 17.49
CA SER B 73 54.14 -20.30 16.98
C SER B 73 55.24 -20.94 17.82
N LYS B 74 55.96 -20.15 18.62
CA LYS B 74 57.05 -20.69 19.41
C LYS B 74 56.55 -21.71 20.44
N HIS B 75 55.31 -21.58 20.89
CA HIS B 75 54.74 -22.47 21.89
C HIS B 75 53.46 -23.16 21.46
N TRP B 76 52.96 -22.92 20.25
CA TRP B 76 51.68 -23.43 19.83
C TRP B 76 51.73 -23.91 18.39
N ASN B 77 50.96 -24.96 18.10
CA ASN B 77 50.65 -25.38 16.74
C ASN B 77 49.19 -25.02 16.48
N SER B 78 48.89 -24.65 15.24
CA SER B 78 47.57 -24.11 14.93
C SER B 78 47.11 -24.57 13.55
N TYR B 79 45.80 -24.56 13.36
CA TYR B 79 45.23 -24.82 12.03
C TYR B 79 43.80 -24.31 11.98
N CYS B 80 43.38 -23.90 10.78
CA CYS B 80 42.03 -23.38 10.57
C CYS B 80 41.09 -24.51 10.16
N THR B 81 39.82 -24.34 10.49
CA THR B 81 38.81 -25.34 10.15
C THR B 81 37.45 -24.66 10.00
N THR B 82 36.59 -25.30 9.22
CA THR B 82 35.27 -24.76 8.94
C THR B 82 34.30 -25.04 10.09
N THR B 83 33.29 -24.18 10.21
CA THR B 83 32.26 -24.35 11.22
C THR B 83 31.12 -25.18 10.66
N HIS B 84 29.98 -25.18 11.35
CA HIS B 84 28.87 -26.07 10.98
C HIS B 84 27.60 -25.70 11.73
N THR B 85 26.49 -25.54 11.00
CA THR B 85 25.19 -25.20 11.57
C THR B 85 24.12 -26.01 10.83
N PHE B 86 22.88 -25.88 11.26
CA PHE B 86 21.76 -26.59 10.66
C PHE B 86 20.69 -25.60 10.19
N VAL B 87 20.14 -25.87 9.01
CA VAL B 87 19.08 -25.06 8.43
C VAL B 87 17.93 -25.98 8.03
N LYS B 88 16.70 -25.57 8.35
CA LYS B 88 15.53 -26.35 8.01
C LYS B 88 15.12 -26.05 6.57
N ALA B 89 15.18 -27.06 5.71
CA ALA B 89 14.89 -26.90 4.29
C ALA B 89 14.08 -28.08 3.79
N LEU B 90 13.27 -27.82 2.76
CA LEU B 90 12.44 -28.85 2.16
C LEU B 90 13.30 -29.72 1.25
N THR B 91 13.57 -30.95 1.68
CA THR B 91 14.45 -31.87 0.98
C THR B 91 13.71 -33.17 0.71
N THR B 92 14.39 -34.10 0.05
CA THR B 92 13.88 -35.43 -0.24
C THR B 92 15.03 -36.43 -0.19
N ASP B 93 14.74 -37.63 0.30
CA ASP B 93 15.75 -38.67 0.40
C ASP B 93 15.45 -39.84 -0.54
N GLU B 94 15.13 -39.52 -1.79
CA GLU B 94 14.81 -40.49 -2.83
C GLU B 94 13.51 -41.24 -2.55
N LYS B 95 12.94 -41.06 -1.35
CA LYS B 95 11.72 -41.75 -0.96
C LYS B 95 10.63 -40.79 -0.51
N GLN B 96 10.88 -39.99 0.53
CA GLN B 96 9.86 -39.10 1.07
C GLN B 96 10.39 -37.67 1.12
N ALA B 97 9.54 -36.71 0.77
CA ALA B 97 9.87 -35.30 0.83
C ALA B 97 9.41 -34.73 2.17
N ALA B 98 10.30 -34.00 2.84
CA ALA B 98 9.98 -33.46 4.16
C ALA B 98 10.91 -32.29 4.44
N TRP B 99 10.56 -31.53 5.48
CA TRP B 99 11.36 -30.39 5.91
C TRP B 99 12.41 -30.90 6.90
N ARG B 100 13.60 -31.20 6.36
CA ARG B 100 14.69 -31.75 7.15
C ARG B 100 15.73 -30.68 7.45
N PHE B 101 16.55 -30.94 8.45
CA PHE B 101 17.66 -30.05 8.79
C PHE B 101 18.92 -30.50 8.07
N ILE B 102 19.59 -29.56 7.41
CA ILE B 102 20.79 -29.86 6.63
C ILE B 102 21.95 -29.05 7.18
N ARG B 103 23.16 -29.54 6.88
CA ARG B 103 24.40 -28.95 7.37
C ARG B 103 24.83 -27.81 6.46
N ILE B 104 25.15 -26.67 7.06
CA ILE B 104 25.56 -25.47 6.32
C ILE B 104 26.75 -24.84 7.04
N ASP B 105 27.77 -24.46 6.29
CA ASP B 105 28.95 -23.82 6.87
C ASP B 105 28.66 -22.35 7.17
N THR B 106 29.35 -21.82 8.19
CA THR B 106 29.05 -20.47 8.63
C THR B 106 30.29 -19.61 8.86
N ALA B 107 31.41 -20.21 9.25
CA ALA B 107 32.59 -19.43 9.60
C ALA B 107 33.82 -20.32 9.51
N CYS B 108 34.98 -19.71 9.78
CA CYS B 108 36.26 -20.39 9.78
C CYS B 108 36.99 -20.01 11.05
N VAL B 109 37.31 -21.00 11.88
CA VAL B 109 37.89 -20.76 13.20
C VAL B 109 39.24 -21.45 13.29
N CYS B 110 40.12 -20.85 14.10
CA CYS B 110 41.44 -21.42 14.35
C CYS B 110 41.42 -22.29 15.60
N VAL B 111 42.16 -23.39 15.55
CA VAL B 111 42.26 -24.33 16.66
C VAL B 111 43.73 -24.57 16.97
N LEU B 112 44.02 -24.78 18.24
CA LEU B 112 45.38 -24.82 18.78
C LEU B 112 45.71 -26.20 19.34
N SER B 113 47.01 -26.40 19.56
CA SER B 113 47.54 -27.58 20.22
C SER B 113 48.88 -27.20 20.83
N ARG B 114 49.10 -27.59 22.07
CA ARG B 114 50.32 -27.18 22.77
C ARG B 114 51.54 -27.82 22.14
N LYS B 115 52.54 -26.99 21.83
CA LYS B 115 53.77 -27.46 21.20
C LYS B 115 54.79 -27.83 22.28
N ALA B 116 55.53 -28.91 22.03
CA ALA B 116 56.53 -29.41 22.97
C ALA B 116 57.88 -28.80 22.59
N THR B 117 58.38 -27.90 23.44
CA THR B 117 59.67 -27.25 23.20
C THR B 117 60.82 -28.23 23.41
N PHE C 7 37.07 -35.11 18.06
CA PHE C 7 37.79 -34.30 19.03
C PHE C 7 39.27 -34.24 18.63
N HIS C 8 39.50 -34.11 17.33
CA HIS C 8 40.83 -33.81 16.82
C HIS C 8 41.14 -32.31 16.88
N MET C 9 40.18 -31.50 17.31
CA MET C 9 40.35 -30.06 17.43
C MET C 9 41.63 -29.72 18.17
N GLY C 10 41.68 -30.01 19.46
CA GLY C 10 42.85 -29.75 20.26
C GLY C 10 42.45 -29.46 21.68
N GLU C 11 43.26 -28.63 22.34
CA GLU C 11 42.96 -28.20 23.70
C GLU C 11 41.62 -27.49 23.73
N PHE C 12 41.56 -26.30 23.14
CA PHE C 12 40.31 -25.57 22.99
C PHE C 12 40.40 -24.74 21.73
N SER C 13 39.33 -24.02 21.43
CA SER C 13 39.36 -23.03 20.37
C SER C 13 40.07 -21.77 20.83
N VAL C 14 40.52 -20.97 19.86
CA VAL C 14 41.18 -19.72 20.18
C VAL C 14 40.26 -18.80 20.98
N CYS C 15 38.95 -18.90 20.75
CA CYS C 15 37.96 -18.16 21.50
C CYS C 15 36.97 -19.12 22.15
N ASP C 16 36.36 -18.66 23.25
CA ASP C 16 35.42 -19.48 24.01
C ASP C 16 34.07 -19.44 23.32
N SER C 17 33.63 -20.57 22.78
CA SER C 17 32.36 -20.68 22.10
C SER C 17 31.35 -21.42 22.97
N VAL C 18 30.08 -21.14 22.73
CA VAL C 18 28.98 -21.78 23.46
C VAL C 18 27.79 -21.92 22.53
N SER C 19 27.21 -23.11 22.49
CA SER C 19 26.08 -23.42 21.62
C SER C 19 24.81 -23.59 22.44
N VAL C 20 23.67 -23.45 21.77
CA VAL C 20 22.36 -23.61 22.40
C VAL C 20 21.27 -23.70 21.33
N TRP C 21 20.26 -24.52 21.57
CA TRP C 21 19.08 -24.57 20.72
C TRP C 21 17.98 -23.73 21.34
N VAL C 22 17.46 -22.78 20.56
CA VAL C 22 16.52 -21.77 21.02
C VAL C 22 15.17 -22.08 20.39
N GLY C 23 14.22 -22.47 21.23
CA GLY C 23 12.82 -22.52 20.85
C GLY C 23 12.13 -21.27 21.32
N ASP C 24 12.77 -20.59 22.28
CA ASP C 24 12.26 -19.33 22.81
C ASP C 24 12.80 -18.16 21.97
N LYS C 25 12.30 -18.09 20.74
CA LYS C 25 12.67 -17.06 19.79
C LYS C 25 11.50 -16.10 19.66
N THR C 26 11.66 -14.88 20.17
CA THR C 26 10.61 -13.88 20.16
C THR C 26 10.93 -12.68 19.28
N THR C 27 12.14 -12.12 19.40
CA THR C 27 12.56 -10.97 18.61
C THR C 27 13.85 -11.30 17.87
N ALA C 28 14.08 -10.62 16.76
CA ALA C 28 15.28 -10.82 15.96
C ALA C 28 15.51 -9.57 15.12
N THR C 29 16.62 -9.58 14.37
CA THR C 29 16.96 -8.51 13.45
C THR C 29 17.17 -9.10 12.07
N ASP C 30 16.49 -8.55 11.07
CA ASP C 30 16.54 -9.09 9.72
C ASP C 30 17.79 -8.61 8.99
N ILE C 31 17.91 -9.02 7.72
CA ILE C 31 19.07 -8.61 6.93
C ILE C 31 19.04 -7.12 6.66
N LYS C 32 17.85 -6.53 6.54
CA LYS C 32 17.72 -5.10 6.25
C LYS C 32 17.97 -4.22 7.45
N GLY C 33 18.17 -4.80 8.64
CA GLY C 33 18.46 -4.04 9.83
C GLY C 33 17.27 -3.62 10.65
N LYS C 34 16.09 -4.18 10.40
CA LYS C 34 14.88 -3.83 11.13
C LYS C 34 14.55 -4.95 12.13
N GLU C 35 14.19 -4.55 13.35
CA GLU C 35 13.84 -5.52 14.38
C GLU C 35 12.45 -6.08 14.12
N VAL C 36 12.35 -7.40 14.04
CA VAL C 36 11.09 -8.08 13.76
C VAL C 36 10.77 -9.01 14.93
N THR C 37 9.51 -9.43 14.99
CA THR C 37 9.02 -10.35 16.00
C THR C 37 8.91 -11.74 15.41
N VAL C 38 9.51 -12.73 16.08
CA VAL C 38 9.57 -14.09 15.58
C VAL C 38 8.32 -14.84 16.02
N LEU C 39 7.71 -15.57 15.09
CA LEU C 39 6.56 -16.41 15.42
C LEU C 39 7.01 -17.63 16.21
N ALA C 40 6.13 -18.08 17.10
CA ALA C 40 6.45 -19.26 17.91
C ALA C 40 6.30 -20.55 17.12
N GLU C 41 5.32 -20.61 16.22
CA GLU C 41 5.05 -21.80 15.43
C GLU C 41 4.75 -21.41 13.99
N VAL C 42 4.83 -22.41 13.12
CA VAL C 42 4.68 -22.24 11.67
C VAL C 42 3.65 -23.25 11.18
N ASN C 43 2.82 -22.83 10.23
CA ASN C 43 1.83 -23.71 9.60
C ASN C 43 2.17 -23.85 8.14
N ILE C 44 2.49 -25.07 7.71
CA ILE C 44 2.73 -25.40 6.30
C ILE C 44 1.76 -26.51 5.93
N ASN C 45 0.89 -26.25 4.95
CA ASN C 45 -0.23 -27.12 4.60
C ASN C 45 -1.09 -27.24 5.85
N ASN C 46 -1.26 -28.42 6.43
CA ASN C 46 -1.95 -28.58 7.71
C ASN C 46 -1.00 -29.07 8.80
N SER C 47 0.31 -28.96 8.57
CA SER C 47 1.32 -29.41 9.52
C SER C 47 1.84 -28.21 10.31
N VAL C 48 1.95 -28.39 11.63
CA VAL C 48 2.40 -27.35 12.55
C VAL C 48 3.80 -27.70 13.02
N PHE C 49 4.74 -26.78 12.78
CA PHE C 49 6.12 -26.91 13.20
C PHE C 49 6.44 -25.81 14.21
N ARG C 50 7.60 -25.94 14.85
CA ARG C 50 8.11 -24.92 15.76
C ARG C 50 9.45 -24.43 15.26
N GLN C 51 9.67 -23.12 15.38
CA GLN C 51 10.91 -22.50 14.87
C GLN C 51 12.01 -22.70 15.88
N TYR C 52 12.84 -23.72 15.68
CA TYR C 52 14.04 -23.93 16.46
C TYR C 52 15.23 -23.28 15.75
N PHE C 53 16.10 -22.65 16.54
CA PHE C 53 17.28 -21.97 16.00
C PHE C 53 18.51 -22.49 16.73
N PHE C 54 19.57 -22.76 15.97
CA PHE C 54 20.84 -23.21 16.54
C PHE C 54 21.78 -22.00 16.66
N GLU C 55 21.95 -21.50 17.87
CA GLU C 55 22.74 -20.29 18.11
C GLU C 55 24.03 -20.65 18.81
N THR C 56 25.15 -20.22 18.23
CA THR C 56 26.47 -20.38 18.84
C THR C 56 27.14 -19.02 18.90
N LYS C 57 27.58 -18.63 20.09
CA LYS C 57 28.15 -17.31 20.31
C LYS C 57 29.39 -17.44 21.19
N CYS C 58 29.93 -16.31 21.63
CA CYS C 58 31.10 -16.28 22.47
C CYS C 58 30.71 -16.30 23.94
N ARG C 59 31.63 -16.77 24.77
CA ARG C 59 31.48 -16.63 26.21
C ARG C 59 32.12 -15.36 26.75
N ALA C 60 33.18 -14.89 26.10
CA ALA C 60 33.86 -13.67 26.51
C ALA C 60 34.69 -13.16 25.34
N SER C 61 34.94 -11.86 25.33
CA SER C 61 35.78 -11.25 24.30
C SER C 61 37.27 -11.33 24.62
N ASN C 62 37.60 -11.59 25.88
CA ASN C 62 39.00 -11.73 26.32
C ASN C 62 39.14 -13.00 27.13
N PRO C 63 39.31 -14.16 26.47
CA PRO C 63 39.61 -15.38 27.21
C PRO C 63 40.87 -15.29 28.05
N VAL C 64 41.85 -14.49 27.62
CA VAL C 64 43.06 -14.23 28.40
C VAL C 64 43.25 -12.73 28.52
N GLU C 65 44.43 -12.31 28.99
CA GLU C 65 44.70 -10.88 29.12
C GLU C 65 44.91 -10.23 27.76
N SER C 66 45.63 -10.90 26.86
CA SER C 66 45.93 -10.36 25.54
C SER C 66 44.88 -10.78 24.50
N GLY C 67 43.61 -10.61 24.84
CA GLY C 67 42.53 -10.93 23.93
C GLY C 67 42.34 -12.41 23.70
N CYS C 68 42.57 -12.85 22.46
CA CYS C 68 42.34 -14.25 22.11
C CYS C 68 43.42 -15.15 22.72
N ARG C 69 43.11 -16.45 22.77
CA ARG C 69 44.01 -17.42 23.39
C ARG C 69 45.09 -17.83 22.40
N GLY C 70 46.34 -17.59 22.76
CA GLY C 70 47.46 -17.97 21.93
C GLY C 70 47.82 -16.92 20.89
N ILE C 71 48.01 -15.68 21.35
CA ILE C 71 48.27 -14.54 20.47
C ILE C 71 49.70 -14.07 20.71
N ASP C 72 50.43 -13.83 19.62
CA ASP C 72 51.73 -13.18 19.68
C ASP C 72 51.52 -11.70 19.96
N SER C 73 51.24 -11.40 21.24
CA SER C 73 50.90 -10.04 21.65
C SER C 73 52.07 -9.06 21.52
N LYS C 74 53.28 -9.55 21.24
CA LYS C 74 54.39 -8.64 21.00
C LYS C 74 54.28 -7.95 19.64
N HIS C 75 53.42 -8.45 18.76
CA HIS C 75 53.22 -7.84 17.45
C HIS C 75 51.76 -7.60 17.10
N TRP C 76 50.81 -8.10 17.88
CA TRP C 76 49.39 -8.03 17.52
C TRP C 76 48.54 -7.70 18.73
N ASN C 77 47.42 -7.04 18.48
CA ASN C 77 46.33 -6.89 19.43
C ASN C 77 45.16 -7.73 18.94
N SER C 78 44.41 -8.31 19.87
CA SER C 78 43.38 -9.28 19.50
C SER C 78 42.17 -9.15 20.40
N TYR C 79 41.04 -9.62 19.89
CA TYR C 79 39.82 -9.73 20.69
C TYR C 79 38.83 -10.68 20.01
N CYS C 80 38.03 -11.35 20.83
CA CYS C 80 37.03 -12.29 20.32
C CYS C 80 35.69 -11.60 20.14
N THR C 81 34.95 -12.03 19.10
CA THR C 81 33.64 -11.47 18.82
C THR C 81 32.77 -12.50 18.14
N THR C 82 31.45 -12.32 18.29
CA THR C 82 30.47 -13.27 17.79
C THR C 82 30.14 -12.97 16.33
N THR C 83 30.27 -13.98 15.47
CA THR C 83 29.86 -13.87 14.08
C THR C 83 28.48 -14.51 13.91
N HIS C 84 27.97 -14.47 12.68
CA HIS C 84 26.57 -14.81 12.44
C HIS C 84 26.38 -15.29 11.01
N THR C 85 25.15 -15.73 10.73
CA THR C 85 24.67 -16.02 9.38
C THR C 85 23.22 -15.55 9.31
N PHE C 86 22.56 -15.81 8.19
CA PHE C 86 21.18 -15.41 7.99
C PHE C 86 20.32 -16.64 7.77
N VAL C 87 19.23 -16.73 8.52
CA VAL C 87 18.32 -17.87 8.48
C VAL C 87 16.94 -17.39 8.04
N LYS C 88 16.35 -18.12 7.10
CA LYS C 88 15.01 -17.79 6.61
C LYS C 88 14.00 -18.31 7.63
N ALA C 89 13.35 -17.40 8.34
CA ALA C 89 12.40 -17.75 9.39
C ALA C 89 11.12 -16.94 9.23
N LEU C 90 10.01 -17.52 9.68
CA LEU C 90 8.70 -16.89 9.58
C LEU C 90 8.55 -15.89 10.72
N THR C 91 8.70 -14.61 10.41
CA THR C 91 8.54 -13.52 11.37
C THR C 91 7.42 -12.60 10.91
N THR C 92 7.19 -11.54 11.69
CA THR C 92 6.16 -10.57 11.37
C THR C 92 6.55 -9.21 11.91
N ASP C 93 6.05 -8.17 11.26
CA ASP C 93 6.20 -6.80 11.74
C ASP C 93 4.83 -6.29 12.20
N GLU C 94 4.66 -4.97 12.20
CA GLU C 94 3.38 -4.39 12.57
C GLU C 94 2.31 -4.58 11.50
N LYS C 95 2.68 -5.08 10.32
CA LYS C 95 1.72 -5.22 9.24
C LYS C 95 1.53 -6.68 8.83
N GLN C 96 2.49 -7.24 8.10
CA GLN C 96 2.35 -8.56 7.51
C GLN C 96 3.45 -9.50 8.00
N ALA C 97 3.15 -10.79 7.91
CA ALA C 97 4.11 -11.84 8.24
C ALA C 97 4.71 -12.40 6.95
N ALA C 98 5.99 -12.76 7.01
CA ALA C 98 6.68 -13.28 5.83
C ALA C 98 7.89 -14.08 6.27
N TRP C 99 8.37 -14.92 5.36
CA TRP C 99 9.57 -15.72 5.59
C TRP C 99 10.79 -14.84 5.31
N ARG C 100 11.18 -14.08 6.33
CA ARG C 100 12.32 -13.17 6.24
C ARG C 100 13.61 -13.85 6.67
N PHE C 101 14.73 -13.31 6.18
CA PHE C 101 16.05 -13.75 6.58
C PHE C 101 16.52 -12.90 7.76
N ILE C 102 16.68 -13.54 8.92
CA ILE C 102 17.06 -12.85 10.14
C ILE C 102 18.47 -13.27 10.53
N ARG C 103 19.11 -12.40 11.33
CA ARG C 103 20.46 -12.64 11.78
C ARG C 103 20.47 -13.58 12.98
N ILE C 104 21.29 -14.62 12.91
CA ILE C 104 21.40 -15.62 13.98
C ILE C 104 22.89 -15.85 14.25
N ASP C 105 23.27 -15.79 15.53
CA ASP C 105 24.65 -16.07 15.91
C ASP C 105 24.98 -17.54 15.64
N THR C 106 26.18 -17.78 15.12
CA THR C 106 26.57 -19.15 14.78
C THR C 106 27.99 -19.54 15.13
N ALA C 107 28.88 -18.60 15.46
CA ALA C 107 30.24 -18.97 15.80
C ALA C 107 30.92 -17.79 16.50
N CYS C 108 32.12 -18.05 17.01
CA CYS C 108 32.93 -17.05 17.68
C CYS C 108 34.29 -17.00 17.01
N VAL C 109 34.73 -15.81 16.62
CA VAL C 109 35.96 -15.63 15.87
C VAL C 109 36.85 -14.64 16.57
N CYS C 110 38.11 -14.57 16.11
CA CYS C 110 39.12 -13.69 16.68
C CYS C 110 39.52 -12.63 15.66
N VAL C 111 39.71 -11.40 16.15
CA VAL C 111 40.07 -10.25 15.34
C VAL C 111 41.45 -9.77 15.78
N LEU C 112 42.32 -9.51 14.81
CA LEU C 112 43.69 -9.09 15.04
C LEU C 112 43.93 -7.71 14.46
N SER C 113 44.97 -7.06 14.97
CA SER C 113 45.37 -5.74 14.49
C SER C 113 46.86 -5.56 14.73
N ARG C 114 47.55 -4.99 13.75
CA ARG C 114 49.00 -4.85 13.84
C ARG C 114 49.37 -3.77 14.85
N LYS C 115 50.44 -4.02 15.60
CA LYS C 115 50.96 -3.06 16.56
C LYS C 115 52.07 -2.22 15.93
N ALA C 116 52.52 -1.20 16.67
CA ALA C 116 53.61 -0.33 16.25
C ALA C 116 54.84 -0.68 17.07
N THR C 117 55.81 -1.33 16.43
CA THR C 117 57.04 -1.75 17.10
C THR C 117 57.88 -0.55 17.53
C1 NAG D . -22.38 -3.23 -9.77
C2 NAG D . -23.40 -4.38 -9.94
C3 NAG D . -22.65 -5.72 -10.11
C4 NAG D . -21.44 -5.62 -11.04
C5 NAG D . -20.65 -4.33 -10.84
C6 NAG D . -19.61 -4.09 -11.90
C7 NAG D . -24.85 -3.53 -8.07
C8 NAG D . -25.76 -3.98 -6.98
N2 NAG D . -24.34 -4.50 -8.83
O3 NAG D . -23.56 -6.69 -10.62
O4 NAG D . -20.54 -6.66 -10.66
O5 NAG D . -21.53 -3.21 -10.83
O6 NAG D . -18.88 -2.90 -11.62
O7 NAG D . -24.60 -2.33 -8.25
C1 NAG D . -20.63 -7.86 -11.43
C2 NAG D . -19.50 -8.74 -10.90
C3 NAG D . -19.51 -10.09 -11.61
C4 NAG D . -20.89 -10.74 -11.50
C5 NAG D . -21.95 -9.77 -12.02
C6 NAG D . -23.36 -10.29 -11.84
C7 NAG D . -17.67 -7.63 -12.15
C8 NAG D . -16.32 -7.00 -12.02
N2 NAG D . -18.20 -8.09 -11.01
O3 NAG D . -18.52 -10.94 -11.04
O4 NAG D . -20.91 -11.96 -12.23
O5 NAG D . -21.87 -8.53 -11.30
O6 NAG D . -23.67 -10.53 -10.49
O7 NAG D . -18.25 -7.71 -13.22
C1 BMA D . -21.34 -13.05 -11.37
C2 BMA D . -22.48 -13.80 -12.14
C3 BMA D . -22.83 -15.14 -11.47
C4 BMA D . -21.57 -15.92 -11.05
C5 BMA D . -20.66 -15.02 -10.22
C6 BMA D . -19.41 -15.72 -9.73
O2 BMA D . -22.08 -14.09 -13.47
O3 BMA D . -23.65 -15.94 -12.31
O4 BMA D . -21.93 -17.06 -10.30
O5 BMA D . -20.26 -13.91 -11.04
O6 BMA D . -18.80 -14.91 -8.74
C1 NAG E . -57.96 -15.17 13.95
C2 NAG E . -58.84 -16.24 13.33
C3 NAG E . -59.58 -15.66 12.13
C4 NAG E . -60.37 -14.43 12.53
C5 NAG E . -59.47 -13.42 13.25
C6 NAG E . -60.26 -12.29 13.87
C7 NAG E . -57.87 -18.44 13.78
C8 NAG E . -57.05 -19.57 13.23
N2 NAG E . -58.07 -17.41 12.95
O3 NAG E . -60.45 -16.65 11.58
O4 NAG E . -60.93 -13.81 11.38
O5 NAG E . -58.76 -14.04 14.34
O6 NAG E . -61.45 -12.76 14.50
O7 NAG E . -58.32 -18.46 14.92
C1 NAG F . -53.85 -4.22 3.49
C2 NAG F . -55.38 -4.20 3.43
C3 NAG F . -55.91 -5.64 3.49
C4 NAG F . -55.25 -6.50 2.42
C5 NAG F . -53.73 -6.39 2.49
C6 NAG F . -53.03 -7.09 1.35
C7 NAG F . -56.33 -2.14 4.34
C8 NAG F . -56.89 -1.46 5.55
N2 NAG F . -55.94 -3.41 4.50
O3 NAG F . -57.32 -5.63 3.30
O4 NAG F . -55.61 -7.86 2.62
O5 NAG F . -53.34 -5.01 2.42
O6 NAG F . -52.57 -8.38 1.73
O7 NAG F . -56.23 -1.56 3.26
C1 NAG G . 43.46 -4.77 -2.56
C2 NAG G . 44.36 -5.66 -1.71
C3 NAG G . 45.12 -6.61 -2.62
C4 NAG G . 44.16 -7.38 -3.51
C5 NAG G . 43.15 -6.46 -4.20
C6 NAG G . 42.05 -7.21 -4.90
C7 NAG G . 45.07 -4.56 0.37
C8 NAG G . 46.13 -3.77 1.05
N2 NAG G . 45.28 -4.86 -0.91
O3 NAG G . 45.87 -7.51 -1.80
O4 NAG G . 44.90 -8.07 -4.51
O5 NAG G . 42.53 -5.59 -3.24
O6 NAG G . 41.11 -7.72 -3.97
O7 NAG G . 44.05 -4.94 0.96
#